data_2IX8
#
_entry.id   2IX8
#
_cell.length_a   1.000
_cell.length_b   1.000
_cell.length_c   1.000
_cell.angle_alpha   90.00
_cell.angle_beta   90.00
_cell.angle_gamma   90.00
#
_symmetry.space_group_name_H-M   'P 1'
#
_entity_poly.entity_id   1
_entity_poly.type   'polypeptide(L)'
_entity_poly.pdbx_seq_one_letter_code
;SDSQQSIKVLEELFQKLSVATADNRHEIASEVASFLNGNIIEHDVPEHFFGELAKGIKDKKTAANA(MSE)QAVAHIANQ
SNLSPSVEPYIVQLVPAICTNAGNKDKEIQSVASETLISIVNAVNPVAIKALLPHLTNAIVETNKWQEKIAILAAFSA
(MSE)VDAAKDQVALR(MSE)PELIPVLSET(MSE)WDTKKEVKAAATAA(MSE)TKATETVDNKDIERFIPSLIQCIAD
PTEVPETVHLLGATTFVAEVTPATLSI(MSE)VPLLSRGLNERETGIKRKSAVIIDN(MSE)CKLVEDPQVIAPFLGKLL
PGLKSNFATIADPEAREVTLRALKTLRRVGNVGEDDAIPELSHAGDVSTTLQVVNELLKDETVAPRFKIVVEYIAAIGAD
LIDERIIDQQAWFTHITPY(MSE)TIFLHEKKAKDILDEFRKRAVDNIPVGPNFDDEEDEGEDLCNCEFSLAYGAKILLN
KTQLRLKRARRYGICGPNGCGKSTL(MSE)RAIANGQVDGFPTQEECRTVYVEHDIDGTHSDTSVLDFVFESGVGTKEAI
KDKLIEFGFTDE(MSE)IA(MSE)PISALSGGWK(MSE)KLALARAVLRNADILLLDEPTNHLDTVNVAWLVNYLNTCGI
TSITISHDSVFLDNVCEYIINYEGLKLRKYKGNFTEFVKKCPAAKAYEELSNTDLEFKFPEPGYLEGVKTKQKAIVKVTN
(MSE)EFQYPGTSKPQITDINFQCSLSSRIAVIGPNGAGKSTLINVLTGELLPTSGEVYTHENCRIAYIKQHAFAHIESH
LDKTPSEYIQWRFQTGEDRET(MSE)DRANRQINENDAEA(MSE)NKIFKIEGTPRRIAGIHSRRKFKNTYEYECSFLLG
ENIG(MSE)KSERWVP(MSE)(MSE)SVDNAWIPRGELVESHSK(MSE)VAEVD(MSE)KEALASGQFRPLTRKEIEEHC
S(MSE)LGLDPEIVSHSRIRGLSGGQKVKLVLAAGTWQRPHLIVLDEPTNYLDRDSLGALSKALKEFEGGVIIITHSAEF
TKNLTEEVWAVKDGR(MSE)TPSGHN
;
_entity_poly.pdbx_strand_id   A
#
# COMPACT_ATOMS: atom_id res chain seq x y z
N SER A 1 -53.28 43.39 19.73
CA SER A 1 -52.70 44.13 20.84
C SER A 1 -51.47 43.52 21.51
N ASP A 2 -51.61 42.29 22.03
CA ASP A 2 -50.49 41.64 22.69
C ASP A 2 -49.32 41.51 21.70
N SER A 3 -49.65 41.29 20.43
CA SER A 3 -48.63 41.17 19.39
C SER A 3 -47.89 42.49 19.15
N GLN A 4 -48.62 43.62 19.16
CA GLN A 4 -48.00 44.92 18.95
C GLN A 4 -47.12 45.26 20.16
N GLN A 5 -47.50 44.76 21.33
CA GLN A 5 -46.72 44.98 22.54
C GLN A 5 -45.34 44.34 22.35
N SER A 6 -45.28 43.22 21.65
CA SER A 6 -44.01 42.54 21.39
C SER A 6 -43.05 43.43 20.59
N ILE A 7 -43.58 44.14 19.60
CA ILE A 7 -42.74 45.02 18.80
C ILE A 7 -42.13 46.08 19.72
N LYS A 8 -42.93 46.58 20.66
CA LYS A 8 -42.44 47.60 21.60
C LYS A 8 -41.37 47.07 22.53
N VAL A 9 -41.55 45.84 23.01
CA VAL A 9 -40.55 45.25 23.90
C VAL A 9 -39.21 45.05 23.17
N LEU A 10 -39.25 44.55 21.94
CA LEU A 10 -38.03 44.34 21.19
C LEU A 10 -37.27 45.65 20.98
N GLU A 11 -38.02 46.74 20.79
CA GLU A 11 -37.41 48.06 20.61
C GLU A 11 -36.68 48.48 21.87
N GLU A 12 -37.29 48.22 23.03
CA GLU A 12 -36.66 48.58 24.29
C GLU A 12 -35.45 47.70 24.51
N LEU A 13 -35.57 46.41 24.16
CA LEU A 13 -34.45 45.52 24.33
C LEU A 13 -33.31 45.88 23.38
N PHE A 14 -33.62 46.33 22.17
CA PHE A 14 -32.56 46.69 21.25
C PHE A 14 -31.81 47.94 21.71
N GLN A 15 -32.55 48.87 22.30
CA GLN A 15 -31.98 50.12 22.78
C GLN A 15 -30.94 49.78 23.84
N LYS A 16 -31.30 48.88 24.73
CA LYS A 16 -30.39 48.45 25.79
C LYS A 16 -29.18 47.75 25.17
N LEU A 17 -29.43 46.93 24.15
CA LEU A 17 -28.38 46.17 23.48
C LEU A 17 -27.30 47.03 22.81
N SER A 18 -27.73 47.98 21.99
CA SER A 18 -26.79 48.85 21.29
C SER A 18 -25.92 49.68 22.25
N VAL A 19 -26.30 49.68 23.51
CA VAL A 19 -25.58 50.43 24.53
C VAL A 19 -24.71 49.51 25.40
N ALA A 20 -25.02 48.23 25.40
CA ALA A 20 -24.28 47.26 26.19
C ALA A 20 -22.78 47.31 25.99
N THR A 21 -22.05 46.94 27.04
CA THR A 21 -20.60 46.91 27.02
C THR A 21 -20.15 45.46 27.16
N ALA A 22 -18.89 45.20 26.82
CA ALA A 22 -18.36 43.83 26.91
C ALA A 22 -18.67 43.21 28.27
N ASP A 23 -19.00 44.04 29.25
CA ASP A 23 -19.31 43.55 30.59
C ASP A 23 -20.69 42.94 30.67
N ASN A 24 -21.71 43.73 30.35
CA ASN A 24 -23.10 43.30 30.41
C ASN A 24 -23.67 42.73 29.10
N ARG A 25 -22.84 42.69 28.07
CA ARG A 25 -23.22 42.19 26.76
C ARG A 25 -24.05 40.89 26.76
N HIS A 26 -23.50 39.83 27.33
CA HIS A 26 -24.16 38.54 27.39
C HIS A 26 -25.52 38.55 28.10
N GLU A 27 -25.69 39.41 29.10
CA GLU A 27 -26.95 39.45 29.83
C GLU A 27 -28.14 39.87 28.99
N ILE A 28 -28.00 40.95 28.23
CA ILE A 28 -29.11 41.41 27.40
C ILE A 28 -29.24 40.57 26.13
N ALA A 29 -28.12 40.03 25.65
CA ALA A 29 -28.16 39.18 24.46
C ALA A 29 -29.10 38.03 24.81
N SER A 30 -28.97 37.55 26.04
CA SER A 30 -29.79 36.46 26.54
C SER A 30 -31.25 36.89 26.60
N GLU A 31 -31.48 38.12 27.05
CA GLU A 31 -32.85 38.66 27.14
C GLU A 31 -33.49 38.71 25.75
N VAL A 32 -32.76 39.28 24.79
CA VAL A 32 -33.26 39.39 23.42
C VAL A 32 -33.58 37.99 22.87
N ALA A 33 -32.67 37.06 23.11
CA ALA A 33 -32.82 35.70 22.64
C ALA A 33 -34.07 35.01 23.19
N SER A 34 -34.21 34.97 24.50
CA SER A 34 -35.36 34.29 25.12
C SER A 34 -36.70 34.89 24.70
N PHE A 35 -36.73 36.20 24.43
CA PHE A 35 -37.98 36.81 24.03
C PHE A 35 -38.29 36.61 22.55
N LEU A 36 -37.30 36.88 21.71
CA LEU A 36 -37.48 36.76 20.27
C LEU A 36 -37.91 35.36 19.84
N ASN A 37 -37.38 34.34 20.50
CA ASN A 37 -37.72 32.98 20.12
C ASN A 37 -39.07 32.43 20.61
N GLY A 38 -39.88 33.26 21.27
CA GLY A 38 -41.18 32.82 21.74
C GLY A 38 -42.30 33.10 20.74
N ASN A 39 -43.53 32.71 21.05
CA ASN A 39 -44.67 32.96 20.16
C ASN A 39 -45.06 34.43 20.41
N ILE A 40 -44.26 35.36 19.94
CA ILE A 40 -44.50 36.77 20.20
C ILE A 40 -45.25 37.59 19.16
N ILE A 41 -45.24 37.14 17.92
CA ILE A 41 -45.93 37.89 16.87
C ILE A 41 -46.92 37.06 16.06
N GLU A 42 -48.12 37.59 15.90
CA GLU A 42 -49.19 36.91 15.17
C GLU A 42 -49.06 37.06 13.65
N HIS A 43 -48.64 35.97 13.02
CA HIS A 43 -48.45 35.91 11.56
C HIS A 43 -47.67 37.06 10.94
N ASP A 44 -46.49 37.33 11.49
CA ASP A 44 -45.64 38.38 10.95
C ASP A 44 -44.28 38.29 11.59
N VAL A 45 -43.41 39.23 11.24
CA VAL A 45 -42.06 39.24 11.78
C VAL A 45 -41.70 40.62 12.30
N PRO A 46 -40.79 40.68 13.29
CA PRO A 46 -40.37 41.97 13.84
C PRO A 46 -39.41 42.58 12.83
N GLU A 47 -39.99 43.06 11.74
CA GLU A 47 -39.28 43.63 10.61
C GLU A 47 -38.26 44.70 10.96
N HIS A 48 -38.68 45.71 11.70
CA HIS A 48 -37.77 46.77 12.06
C HIS A 48 -36.64 46.29 12.95
N PHE A 49 -36.93 45.33 13.81
CA PHE A 49 -35.91 44.81 14.71
C PHE A 49 -34.78 44.15 13.93
N PHE A 50 -35.12 43.38 12.90
CA PHE A 50 -34.11 42.70 12.10
C PHE A 50 -33.30 43.68 11.29
N GLY A 51 -33.92 44.82 10.95
CA GLY A 51 -33.22 45.85 10.21
C GLY A 51 -32.20 46.53 11.12
N GLU A 52 -32.58 46.80 12.36
CA GLU A 52 -31.67 47.44 13.32
C GLU A 52 -30.48 46.51 13.59
N LEU A 53 -30.77 45.23 13.76
CA LEU A 53 -29.75 44.22 14.02
C LEU A 53 -28.74 44.20 12.88
N ALA A 54 -29.25 44.23 11.65
CA ALA A 54 -28.38 44.22 10.46
C ALA A 54 -27.54 45.49 10.34
N LYS A 55 -28.13 46.62 10.68
CA LYS A 55 -27.43 47.88 10.60
C LYS A 55 -26.39 47.93 11.72
N GLY A 56 -26.69 47.27 12.82
CA GLY A 56 -25.78 47.24 13.96
C GLY A 56 -24.57 46.33 13.73
N ILE A 57 -24.78 45.29 12.93
CA ILE A 57 -23.71 44.34 12.64
C ILE A 57 -22.70 44.97 11.69
N LYS A 58 -23.17 45.85 10.84
CA LYS A 58 -22.31 46.53 9.87
C LYS A 58 -21.60 47.76 10.46
N ASP A 59 -21.88 48.06 11.73
CA ASP A 59 -21.31 49.23 12.40
C ASP A 59 -20.31 48.88 13.51
N LYS A 60 -19.08 49.37 13.35
CA LYS A 60 -17.96 49.14 14.28
C LYS A 60 -18.35 49.24 15.74
N LYS A 61 -18.99 50.35 16.08
CA LYS A 61 -19.39 50.64 17.44
C LYS A 61 -20.31 49.58 18.04
N THR A 62 -21.18 49.00 17.21
CA THR A 62 -22.15 48.02 17.71
C THR A 62 -22.07 46.60 17.16
N ALA A 63 -21.08 46.32 16.31
CA ALA A 63 -20.94 44.99 15.72
C ALA A 63 -20.88 43.89 16.77
N ALA A 64 -20.00 44.03 17.74
CA ALA A 64 -19.87 43.02 18.78
C ALA A 64 -21.20 42.74 19.47
N ASN A 65 -21.83 43.78 20.02
CA ASN A 65 -23.11 43.62 20.71
C ASN A 65 -24.16 42.91 19.87
N ALA A 66 -24.38 43.42 18.67
CA ALA A 66 -25.38 42.88 17.75
C ALA A 66 -25.13 41.44 17.32
N MSE A 67 -23.86 41.08 17.12
CA MSE A 67 -23.57 39.72 16.72
C MSE A 67 -23.72 38.77 17.89
O MSE A 67 -24.11 37.62 17.71
CB MSE A 67 -22.17 39.63 16.13
CG MSE A 67 -22.00 40.39 14.83
SE MSE A 67 -20.37 39.96 13.90
CE MSE A 67 -20.81 38.14 13.53
N GLN A 68 -23.41 39.25 19.09
CA GLN A 68 -23.53 38.42 20.29
C GLN A 68 -25.00 38.12 20.53
N ALA A 69 -25.86 39.02 20.09
CA ALA A 69 -27.30 38.81 20.24
C ALA A 69 -27.71 37.72 19.27
N VAL A 70 -27.21 37.80 18.03
CA VAL A 70 -27.52 36.80 17.02
C VAL A 70 -27.05 35.42 17.51
N ALA A 71 -25.92 35.41 18.21
CA ALA A 71 -25.34 34.19 18.74
C ALA A 71 -26.24 33.54 19.79
N HIS A 72 -26.81 34.35 20.67
CA HIS A 72 -27.69 33.84 21.70
C HIS A 72 -29.05 33.43 21.10
N ILE A 73 -29.44 34.11 20.03
CA ILE A 73 -30.69 33.84 19.34
C ILE A 73 -30.57 32.50 18.62
N ALA A 74 -29.38 32.21 18.14
CA ALA A 74 -29.13 30.95 17.45
C ALA A 74 -28.53 29.92 18.41
N ASN A 75 -29.27 29.53 19.44
CA ASN A 75 -28.72 28.52 20.32
C ASN A 75 -29.25 27.18 19.84
N GLN A 76 -28.51 26.12 20.15
CA GLN A 76 -28.82 24.77 19.71
C GLN A 76 -30.18 24.17 20.04
N SER A 77 -30.91 24.73 20.97
CA SER A 77 -32.17 24.09 21.29
C SER A 77 -33.41 24.95 21.23
N ASN A 78 -33.26 26.24 20.95
CA ASN A 78 -34.41 27.14 20.96
C ASN A 78 -34.61 28.09 19.78
N LEU A 79 -33.86 27.92 18.69
CA LEU A 79 -34.04 28.81 17.54
C LEU A 79 -35.42 28.54 16.90
N SER A 80 -36.24 29.58 16.88
CA SER A 80 -37.60 29.48 16.33
C SER A 80 -37.68 29.61 14.82
N PRO A 81 -38.46 28.75 14.16
CA PRO A 81 -38.54 28.90 12.70
C PRO A 81 -39.05 30.27 12.27
N SER A 82 -39.77 30.95 13.15
CA SER A 82 -40.29 32.28 12.84
C SER A 82 -39.16 33.28 12.63
N VAL A 83 -38.00 32.95 13.16
CA VAL A 83 -36.84 33.84 13.13
C VAL A 83 -35.68 33.33 12.29
N GLU A 84 -35.52 32.01 12.26
CA GLU A 84 -34.45 31.32 11.55
C GLU A 84 -34.04 31.88 10.19
N PRO A 85 -35.00 32.06 9.26
CA PRO A 85 -34.56 32.59 7.96
C PRO A 85 -33.99 34.00 7.95
N TYR A 86 -34.44 34.84 8.88
CA TYR A 86 -33.97 36.22 8.97
C TYR A 86 -32.59 36.24 9.63
N ILE A 87 -32.29 35.18 10.38
CA ILE A 87 -31.00 35.06 11.03
C ILE A 87 -29.98 34.66 9.96
N VAL A 88 -30.34 33.69 9.15
CA VAL A 88 -29.47 33.19 8.09
C VAL A 88 -29.22 34.30 7.06
N GLN A 89 -30.23 35.15 6.85
CA GLN A 89 -30.08 36.26 5.91
C GLN A 89 -28.94 37.21 6.35
N LEU A 90 -28.59 37.16 7.64
CA LEU A 90 -27.52 38.01 8.19
C LEU A 90 -26.11 37.40 8.07
N VAL A 91 -26.03 36.15 7.64
CA VAL A 91 -24.74 35.47 7.54
C VAL A 91 -23.67 36.16 6.68
N PRO A 92 -24.05 36.68 5.51
CA PRO A 92 -23.04 37.35 4.67
C PRO A 92 -22.34 38.51 5.40
N ALA A 93 -23.12 39.31 6.13
CA ALA A 93 -22.55 40.44 6.86
C ALA A 93 -21.69 39.93 8.00
N ILE A 94 -22.14 38.87 8.65
CA ILE A 94 -21.38 38.30 9.74
C ILE A 94 -20.05 37.75 9.23
N CYS A 95 -20.04 37.24 8.00
CA CYS A 95 -18.81 36.72 7.41
C CYS A 95 -17.80 37.85 7.21
N THR A 96 -18.27 38.96 6.65
CA THR A 96 -17.40 40.11 6.42
C THR A 96 -16.73 40.52 7.73
N ASN A 97 -17.48 40.55 8.81
CA ASN A 97 -16.91 40.92 10.10
C ASN A 97 -15.83 39.94 10.57
N ALA A 98 -15.87 38.71 10.08
CA ALA A 98 -14.89 37.70 10.47
C ALA A 98 -13.52 38.03 9.89
N GLY A 99 -13.48 39.05 9.04
CA GLY A 99 -12.23 39.48 8.43
C GLY A 99 -11.88 40.91 8.81
N ASN A 100 -12.51 41.40 9.89
CA ASN A 100 -12.29 42.76 10.39
C ASN A 100 -10.96 42.87 11.15
N LYS A 101 -10.27 43.99 10.94
CA LYS A 101 -8.99 44.24 11.60
C LYS A 101 -9.14 44.18 13.11
N ASP A 102 -10.28 44.63 13.61
CA ASP A 102 -10.52 44.64 15.05
C ASP A 102 -10.57 43.24 15.64
N LYS A 103 -9.72 43.02 16.64
CA LYS A 103 -9.61 41.75 17.34
C LYS A 103 -10.92 41.21 17.92
N GLU A 104 -11.70 42.09 18.54
CA GLU A 104 -12.95 41.71 19.17
C GLU A 104 -14.07 41.37 18.18
N ILE A 105 -14.25 42.23 17.18
CA ILE A 105 -15.26 42.02 16.16
C ILE A 105 -15.03 40.73 15.37
N GLN A 106 -13.77 40.52 14.98
CA GLN A 106 -13.38 39.34 14.21
C GLN A 106 -13.68 38.05 14.98
N SER A 107 -13.33 38.06 16.26
CA SER A 107 -13.53 36.91 17.14
C SER A 107 -15.01 36.55 17.36
N VAL A 108 -15.83 37.58 17.61
CA VAL A 108 -17.26 37.39 17.84
C VAL A 108 -17.95 36.87 16.59
N ALA A 109 -17.51 37.34 15.44
CA ALA A 109 -18.08 36.91 14.17
C ALA A 109 -17.82 35.42 13.96
N SER A 110 -16.58 35.01 14.16
CA SER A 110 -16.18 33.63 14.00
C SER A 110 -17.06 32.73 14.85
N GLU A 111 -17.23 33.13 16.10
CA GLU A 111 -18.03 32.40 17.07
C GLU A 111 -19.51 32.34 16.64
N THR A 112 -20.02 33.44 16.11
CA THR A 112 -21.40 33.53 15.69
C THR A 112 -21.75 32.61 14.52
N LEU A 113 -20.82 32.48 13.58
CA LEU A 113 -21.03 31.60 12.44
C LEU A 113 -21.20 30.15 12.94
N ILE A 114 -20.38 29.75 13.90
CA ILE A 114 -20.48 28.40 14.46
C ILE A 114 -21.85 28.21 15.11
N SER A 115 -22.28 29.22 15.86
CA SER A 115 -23.57 29.17 16.53
C SER A 115 -24.73 28.99 15.56
N ILE A 116 -24.68 29.73 14.46
CA ILE A 116 -25.75 29.65 13.47
C ILE A 116 -25.75 28.28 12.81
N VAL A 117 -24.57 27.80 12.44
CA VAL A 117 -24.46 26.49 11.82
C VAL A 117 -25.07 25.42 12.72
N ASN A 118 -24.80 25.50 14.01
CA ASN A 118 -25.31 24.51 14.96
C ASN A 118 -26.75 24.72 15.39
N ALA A 119 -27.35 25.85 14.98
CA ALA A 119 -28.73 26.15 15.39
C ALA A 119 -29.83 25.95 14.34
N VAL A 120 -29.49 26.08 13.06
CA VAL A 120 -30.49 25.92 12.02
C VAL A 120 -30.99 24.49 11.87
N ASN A 121 -32.62 24.08 12.38
CA ASN A 121 -33.31 22.87 11.97
C ASN A 121 -32.37 22.35 10.88
N PRO A 122 -31.82 21.14 11.06
CA PRO A 122 -30.90 20.60 10.04
C PRO A 122 -31.44 20.70 8.62
N VAL A 123 -32.75 20.53 8.50
CA VAL A 123 -33.43 20.59 7.21
C VAL A 123 -33.37 21.96 6.51
N ALA A 124 -33.01 23.01 7.24
CA ALA A 124 -32.92 24.34 6.64
C ALA A 124 -31.53 24.68 6.12
N ILE A 125 -30.69 23.66 5.98
CA ILE A 125 -29.31 23.82 5.51
C ILE A 125 -29.12 24.74 4.29
N LYS A 126 -29.98 24.62 3.30
CA LYS A 126 -29.83 25.44 2.11
C LYS A 126 -29.95 26.94 2.37
N ALA A 127 -30.42 27.31 3.55
CA ALA A 127 -30.55 28.73 3.89
C ALA A 127 -29.28 29.23 4.59
N LEU A 128 -28.53 28.30 5.19
CA LEU A 128 -27.31 28.65 5.93
C LEU A 128 -26.00 28.41 5.16
N LEU A 129 -25.91 27.27 4.47
CA LEU A 129 -24.71 26.91 3.74
C LEU A 129 -24.20 28.02 2.78
N PRO A 130 -25.06 28.57 1.92
CA PRO A 130 -24.62 29.62 0.98
C PRO A 130 -23.93 30.79 1.67
N HIS A 131 -24.39 31.16 2.85
CA HIS A 131 -23.77 32.27 3.56
C HIS A 131 -22.31 31.93 3.85
N LEU A 132 -22.09 30.68 4.26
CA LEU A 132 -20.75 30.22 4.61
C LEU A 132 -19.83 30.00 3.41
N THR A 133 -20.34 29.43 2.32
CA THR A 133 -19.49 29.22 1.16
C THR A 133 -19.10 30.55 0.52
N ASN A 134 -20.06 31.45 0.41
CA ASN A 134 -19.80 32.77 -0.17
C ASN A 134 -18.81 33.55 0.71
N ALA A 135 -18.97 33.48 2.02
CA ALA A 135 -18.08 34.22 2.91
C ALA A 135 -16.63 33.73 2.82
N ILE A 136 -16.42 32.41 2.80
CA ILE A 136 -15.07 31.88 2.73
C ILE A 136 -14.37 32.08 1.39
N VAL A 137 -15.14 32.29 0.33
CA VAL A 137 -14.56 32.47 -0.99
C VAL A 137 -14.22 33.91 -1.34
N GLU A 138 -14.88 34.87 -0.72
CA GLU A 138 -14.59 36.26 -1.04
C GLU A 138 -13.75 37.00 0.01
N THR A 139 -13.60 36.40 1.19
CA THR A 139 -12.81 37.06 2.22
C THR A 139 -11.32 36.81 2.02
N ASN A 140 -10.50 37.73 2.53
CA ASN A 140 -9.06 37.60 2.43
C ASN A 140 -8.41 37.51 3.81
N LYS A 141 -9.23 37.41 4.85
CA LYS A 141 -8.73 37.31 6.22
C LYS A 141 -8.65 35.82 6.52
N TRP A 142 -7.46 35.32 6.86
CA TRP A 142 -7.30 33.90 7.10
C TRP A 142 -7.95 33.35 8.36
N GLN A 143 -8.21 34.20 9.35
CA GLN A 143 -8.85 33.70 10.55
C GLN A 143 -10.34 33.45 10.29
N GLU A 144 -10.90 34.21 9.36
CA GLU A 144 -12.31 34.07 9.00
C GLU A 144 -12.50 32.75 8.26
N LYS A 145 -11.50 32.36 7.47
CA LYS A 145 -11.57 31.11 6.73
C LYS A 145 -11.50 29.94 7.71
N ILE A 146 -10.63 30.03 8.70
CA ILE A 146 -10.50 28.96 9.67
C ILE A 146 -11.79 28.79 10.50
N ALA A 147 -12.46 29.90 10.79
CA ALA A 147 -13.70 29.84 11.56
C ALA A 147 -14.84 29.19 10.76
N ILE A 148 -14.92 29.53 9.49
CA ILE A 148 -15.95 28.99 8.61
C ILE A 148 -15.70 27.50 8.38
N LEU A 149 -14.42 27.14 8.20
CA LEU A 149 -14.06 25.75 7.99
C LEU A 149 -14.53 24.95 9.20
N ALA A 150 -14.34 25.53 10.38
CA ALA A 150 -14.76 24.88 11.62
C ALA A 150 -16.28 24.71 11.62
N ALA A 151 -16.98 25.70 11.04
CA ALA A 151 -18.44 25.66 10.98
C ALA A 151 -18.92 24.57 10.00
N PHE A 152 -18.19 24.35 8.92
CA PHE A 152 -18.56 23.29 7.97
C PHE A 152 -18.43 21.95 8.69
N SER A 153 -17.36 21.83 9.47
CA SER A 153 -17.11 20.59 10.21
C SER A 153 -18.22 20.30 11.20
N ALA A 154 -18.71 21.32 11.89
CA ALA A 154 -19.76 21.10 12.87
C ALA A 154 -21.03 20.71 12.12
N MSE A 155 -21.17 21.23 10.91
CA MSE A 155 -22.35 20.94 10.08
C MSE A 155 -22.47 19.46 9.78
O MSE A 155 -23.57 18.92 9.75
CB MSE A 155 -22.28 21.69 8.77
CG MSE A 155 -23.10 22.94 8.74
SE MSE A 155 -23.86 23.19 6.98
CE MSE A 155 -24.79 24.86 7.33
N VAL A 156 -21.33 18.82 9.53
CA VAL A 156 -21.29 17.40 9.21
C VAL A 156 -21.90 16.57 10.33
N ASP A 157 -21.67 16.97 11.58
CA ASP A 157 -22.21 16.24 12.73
C ASP A 157 -23.63 16.64 13.10
N ALA A 158 -24.00 17.89 12.83
CA ALA A 158 -25.33 18.36 13.16
C ALA A 158 -26.36 17.97 12.11
N ALA A 159 -25.94 17.88 10.85
CA ALA A 159 -26.86 17.54 9.77
C ALA A 159 -26.15 16.67 8.74
N LYS A 160 -25.76 15.46 9.13
CA LYS A 160 -25.02 14.60 8.22
C LYS A 160 -25.75 14.21 6.93
N ASP A 161 -27.02 13.82 7.02
CA ASP A 161 -27.74 13.42 5.80
C ASP A 161 -27.88 14.59 4.83
N GLN A 162 -28.16 15.77 5.36
CA GLN A 162 -28.36 16.95 4.53
C GLN A 162 -27.07 17.42 3.89
N VAL A 163 -25.96 17.28 4.61
CA VAL A 163 -24.68 17.70 4.08
C VAL A 163 -24.23 16.74 2.99
N ALA A 164 -24.52 15.45 3.17
CA ALA A 164 -24.13 14.45 2.17
C ALA A 164 -24.69 14.84 0.82
N LEU A 165 -25.91 15.33 0.78
CA LEU A 165 -26.52 15.72 -0.48
C LEU A 165 -25.88 17.00 -1.04
N ARG A 166 -25.19 17.75 -0.18
CA ARG A 166 -24.53 19.00 -0.57
C ARG A 166 -23.06 18.85 -0.95
N MSE A 167 -22.51 17.65 -0.80
CA MSE A 167 -21.12 17.38 -1.09
C MSE A 167 -20.57 17.85 -2.45
O MSE A 167 -19.48 18.41 -2.51
CB MSE A 167 -20.83 15.89 -0.90
CG MSE A 167 -20.85 15.45 0.56
SE MSE A 167 -19.32 16.11 1.58
CE MSE A 167 -18.06 14.68 1.19
N PRO A 168 -21.31 17.62 -3.55
CA PRO A 168 -20.78 18.09 -4.83
C PRO A 168 -20.58 19.60 -4.88
N GLU A 169 -21.15 20.31 -3.92
CA GLU A 169 -21.01 21.76 -3.88
C GLU A 169 -19.98 22.13 -2.82
N LEU A 170 -19.97 21.38 -1.72
CA LEU A 170 -19.04 21.65 -0.64
C LEU A 170 -17.59 21.27 -0.96
N ILE A 171 -17.39 20.07 -1.46
CA ILE A 171 -16.04 19.59 -1.76
C ILE A 171 -15.21 20.55 -2.64
N PRO A 172 -15.80 21.05 -3.73
CA PRO A 172 -14.96 21.96 -4.52
C PRO A 172 -14.53 23.17 -3.69
N VAL A 173 -15.39 23.65 -2.79
CA VAL A 173 -15.05 24.80 -1.97
C VAL A 173 -13.92 24.47 -1.00
N LEU A 174 -13.96 23.27 -0.44
CA LEU A 174 -12.92 22.88 0.50
C LEU A 174 -11.60 22.66 -0.21
N SER A 175 -11.66 22.16 -1.44
CA SER A 175 -10.47 21.91 -2.22
C SER A 175 -9.75 23.21 -2.57
N GLU A 176 -10.50 24.23 -3.00
CA GLU A 176 -9.88 25.52 -3.34
C GLU A 176 -9.16 26.03 -2.09
N THR A 177 -9.86 25.97 -0.97
CA THR A 177 -9.32 26.45 0.30
C THR A 177 -8.03 25.75 0.69
N MSE A 178 -7.84 24.52 0.22
CA MSE A 178 -6.62 23.80 0.54
C MSE A 178 -5.43 24.37 -0.24
O MSE A 178 -4.28 24.08 0.07
CB MSE A 178 -6.78 22.32 0.22
CG MSE A 178 -7.62 21.57 1.22
SE MSE A 178 -7.87 19.73 0.71
CE MSE A 178 -6.12 19.02 1.12
N TRP A 179 -5.73 25.18 -1.25
CA TRP A 179 -4.70 25.79 -2.07
C TRP A 179 -4.39 27.22 -1.66
N ASP A 180 -4.87 27.59 -0.48
CA ASP A 180 -4.64 28.92 0.07
C ASP A 180 -3.19 29.03 0.52
N THR A 181 -2.53 30.14 0.19
CA THR A 181 -1.13 30.33 0.56
C THR A 181 -0.85 30.16 2.06
N LYS A 182 -1.77 30.61 2.91
CA LYS A 182 -1.60 30.51 4.36
C LYS A 182 -1.54 29.08 4.90
N LYS A 183 -0.42 28.72 5.52
CA LYS A 183 -0.25 27.38 6.05
C LYS A 183 -1.28 26.91 7.08
N GLU A 184 -1.81 27.80 7.90
CA GLU A 184 -2.80 27.37 8.89
C GLU A 184 -4.15 27.10 8.25
N VAL A 185 -4.39 27.74 7.11
CA VAL A 185 -5.64 27.58 6.36
C VAL A 185 -5.63 26.24 5.63
N LYS A 186 -4.49 25.86 5.09
CA LYS A 186 -4.37 24.60 4.37
C LYS A 186 -4.62 23.44 5.30
N ALA A 187 -4.07 23.53 6.51
CA ALA A 187 -4.22 22.47 7.50
C ALA A 187 -5.69 22.36 7.91
N ALA A 188 -6.32 23.50 8.13
CA ALA A 188 -7.71 23.55 8.54
C ALA A 188 -8.64 23.06 7.43
N ALA A 189 -8.31 23.40 6.20
CA ALA A 189 -9.14 23.00 5.06
C ALA A 189 -9.04 21.48 4.89
N THR A 190 -7.83 20.96 5.04
CA THR A 190 -7.58 19.54 4.92
C THR A 190 -8.34 18.80 6.04
N ALA A 191 -8.41 19.41 7.21
CA ALA A 191 -9.12 18.80 8.32
C ALA A 191 -10.62 18.79 8.05
N ALA A 192 -11.14 19.89 7.51
CA ALA A 192 -12.57 19.98 7.20
C ALA A 192 -12.91 18.93 6.13
N MSE A 193 -11.78 19.59 5.48
CA MSE A 193 -11.53 18.86 4.22
C MSE A 193 -11.35 17.36 4.44
O MSE A 193 -11.56 16.55 3.51
CB MSE A 193 -10.24 19.35 3.52
CG MSE A 193 -10.88 16.91 2.08
SE MSE A 193 -12.09 17.27 0.66
CE MSE A 193 -11.13 18.69 -0.22
N THR A 194 -10.96 17.02 5.66
CA THR A 194 -10.74 15.63 6.08
C THR A 194 -12.00 14.91 6.57
N LYS A 195 -12.89 15.70 7.13
CA LYS A 195 -14.17 15.23 7.67
C LYS A 195 -14.70 14.95 6.26
N ALA A 196 -14.50 15.93 5.39
CA ALA A 196 -14.92 15.87 3.99
C ALA A 196 -14.42 14.62 3.26
N THR A 197 -13.11 14.45 3.31
CA THR A 197 -12.43 13.31 2.68
C THR A 197 -12.71 12.08 3.54
N GLU A 198 -12.27 13.19 4.82
CA GLU A 198 -12.26 12.18 5.86
C GLU A 198 -13.26 11.07 5.57
N THR A 199 -14.22 11.33 4.67
CA THR A 199 -15.22 10.33 4.29
C THR A 199 -14.60 9.25 3.42
N VAL A 200 -13.37 9.48 2.95
CA VAL A 200 -12.69 8.46 2.15
C VAL A 200 -12.28 7.42 3.19
N ASP A 201 -12.94 6.27 3.15
CA ASP A 201 -12.73 5.19 4.11
C ASP A 201 -11.50 4.28 3.96
N ASN A 202 -10.39 4.81 3.46
CA ASN A 202 -9.19 4.00 3.31
C ASN A 202 -7.96 4.89 3.41
N LYS A 203 -6.79 4.33 3.11
CA LYS A 203 -5.55 5.08 3.18
C LYS A 203 -4.82 5.13 1.85
N ASP A 204 -5.43 4.54 0.82
CA ASP A 204 -4.82 4.50 -0.50
C ASP A 204 -4.27 5.86 -0.97
N ILE A 205 -5.02 6.93 -0.71
CA ILE A 205 -4.59 8.25 -1.15
C ILE A 205 -4.33 9.28 -0.05
N GLU A 206 -4.17 8.82 1.18
CA GLU A 206 -3.92 9.73 2.29
C GLU A 206 -2.76 10.71 2.04
N ARG A 207 -2.14 6.03 2.02
CA ARG A 207 -0.72 6.20 2.30
C ARG A 207 -0.07 7.46 1.73
N PHE A 208 -0.83 8.25 1.00
CA PHE A 208 -0.29 9.48 0.42
C PHE A 208 -0.99 10.74 0.95
N ILE A 209 -2.03 10.59 1.77
CA ILE A 209 -2.74 11.76 2.26
C ILE A 209 -1.85 12.77 2.97
N PRO A 210 -1.03 12.32 3.94
CA PRO A 210 -0.16 13.30 4.61
C PRO A 210 0.80 13.98 3.63
N SER A 211 1.22 13.25 2.60
CA SER A 211 2.12 13.81 1.58
C SER A 211 1.41 14.84 0.73
N LEU A 212 0.16 14.55 0.35
CA LEU A 212 -0.61 15.47 -0.47
C LEU A 212 -0.84 16.77 0.30
N ILE A 213 -1.18 16.64 1.57
CA ILE A 213 -1.43 17.80 2.41
C ILE A 213 -0.14 18.62 2.58
N GLN A 214 0.96 17.92 2.83
CA GLN A 214 2.25 18.58 3.01
C GLN A 214 2.60 19.34 1.73
N CYS A 215 2.22 18.75 0.60
CA CYS A 215 2.45 19.32 -0.72
C CYS A 215 1.72 20.65 -0.87
N ILE A 216 0.48 20.70 -0.41
CA ILE A 216 -0.30 21.94 -0.48
C ILE A 216 0.42 23.03 0.29
N ALA A 217 1.06 22.65 1.40
CA ALA A 217 1.79 23.59 2.22
C ALA A 217 3.08 24.02 1.53
N ASP A 218 3.75 23.08 0.89
CA ASP A 218 5.00 23.37 0.19
C ASP A 218 5.01 22.79 -1.22
N PRO A 219 4.43 23.54 -2.18
CA PRO A 219 4.32 23.17 -3.59
C PRO A 219 5.63 22.84 -4.33
N THR A 220 6.77 23.13 -3.71
CA THR A 220 8.03 22.82 -4.36
C THR A 220 8.24 21.30 -4.26
N GLU A 221 7.44 20.64 -3.43
CA GLU A 221 7.52 19.20 -3.27
C GLU A 221 6.65 18.47 -4.31
N VAL A 222 5.94 19.24 -5.15
CA VAL A 222 5.08 18.62 -6.14
C VAL A 222 5.80 17.57 -7.01
N PRO A 223 6.92 17.94 -7.67
CA PRO A 223 7.66 16.98 -8.50
C PRO A 223 7.89 15.62 -7.84
N GLU A 224 8.48 15.63 -6.65
CA GLU A 224 8.74 14.38 -5.93
C GLU A 224 7.43 13.68 -5.52
N THR A 225 6.43 14.46 -5.16
CA THR A 225 5.18 13.86 -4.76
C THR A 225 4.52 13.20 -5.95
N VAL A 226 4.71 13.79 -7.13
CA VAL A 226 4.15 13.19 -8.34
C VAL A 226 4.83 11.85 -8.57
N HIS A 227 6.14 11.79 -8.27
CA HIS A 227 6.93 10.57 -8.42
C HIS A 227 6.41 9.49 -7.47
N LEU A 228 6.39 9.81 -6.17
CA LEU A 228 5.92 8.87 -5.13
C LEU A 228 4.59 8.27 -5.53
N LEU A 229 3.77 9.07 -6.18
CA LEU A 229 2.48 8.60 -6.62
C LEU A 229 2.77 7.52 -7.67
N GLY A 230 3.21 6.11 -5.66
CA GLY A 230 3.43 5.04 -6.62
C GLY A 230 2.15 4.93 -7.40
N ALA A 231 2.08 5.69 -6.26
CA ALA A 231 0.96 5.18 -7.05
C ALA A 231 -0.25 5.17 -6.11
N THR A 232 -0.01 5.65 -4.89
CA THR A 232 -0.97 5.75 -3.79
C THR A 232 -1.94 4.60 -3.65
N THR A 233 -2.20 3.92 -4.76
CA THR A 233 -3.13 2.81 -4.78
C THR A 233 -4.53 3.39 -4.68
N PHE A 234 -4.86 4.32 -5.57
CA PHE A 234 -6.20 4.91 -5.60
C PHE A 234 -7.10 3.69 -5.65
N VAL A 235 -7.98 3.56 -4.67
CA VAL A 235 -8.87 2.41 -4.62
C VAL A 235 -10.32 2.84 -4.63
N ALA A 236 -10.64 3.85 -3.84
CA ALA A 236 -12.00 4.36 -3.78
C ALA A 236 -12.34 5.14 -5.04
N GLU A 237 -13.04 5.37 -5.71
CA GLU A 237 -14.25 5.93 -6.26
C GLU A 237 -14.17 7.45 -6.27
N VAL A 238 -13.31 7.92 -7.12
CA VAL A 238 -13.08 9.34 -7.43
C VAL A 238 -14.38 10.11 -7.67
N THR A 239 -14.51 11.22 -6.99
CA THR A 239 -15.62 12.14 -7.21
C THR A 239 -15.16 13.54 -7.53
N PRO A 240 -16.08 14.34 -7.95
CA PRO A 240 -15.80 15.70 -8.42
C PRO A 240 -15.11 16.52 -7.32
N ALA A 241 -15.53 16.23 -6.09
CA ALA A 241 -15.09 16.95 -4.88
C ALA A 241 -13.61 16.76 -4.57
N THR A 242 -13.58 16.14 -4.57
CA THR A 242 -12.29 15.58 -4.93
C THR A 242 -11.78 16.23 -6.23
N LEU A 243 -12.64 16.34 -7.22
CA LEU A 243 -12.23 16.94 -8.49
C LEU A 243 -11.82 18.40 -8.33
N SER A 244 -12.53 19.16 -7.52
CA SER A 244 -12.21 20.57 -7.36
C SER A 244 -10.79 20.78 -6.84
N ILE A 245 -10.30 19.82 -6.07
CA ILE A 245 -8.96 19.89 -5.50
C ILE A 245 -7.88 19.28 -6.39
N MSE A 246 -8.25 18.26 -7.16
CA MSE A 246 -7.29 17.56 -8.01
C MSE A 246 -7.05 18.14 -9.40
O MSE A 246 -5.91 18.33 -9.81
CB MSE A 246 -7.70 16.08 -8.15
CG MSE A 246 -7.58 15.25 -6.88
SE MSE A 246 -5.75 15.17 -6.24
CE MSE A 246 -5.74 16.92 -5.45
N VAL A 247 -8.13 18.40 -10.13
CA VAL A 247 -8.01 18.92 -11.49
C VAL A 247 -7.09 20.12 -11.66
N PRO A 248 -7.22 21.16 -10.83
CA PRO A 248 -6.29 22.27 -11.08
C PRO A 248 -4.84 21.80 -11.09
N LEU A 249 -4.50 20.87 -10.21
CA LEU A 249 -3.14 20.32 -10.17
C LEU A 249 -2.79 19.56 -11.45
N LEU A 250 -3.67 18.63 -11.83
CA LEU A 250 -3.43 17.79 -13.02
C LEU A 250 -3.44 18.60 -14.30
N SER A 251 -4.24 19.66 -14.35
CA SER A 251 -4.32 20.49 -15.52
C SER A 251 -2.97 21.18 -15.77
N ARG A 252 -2.34 21.69 -14.71
CA ARG A 252 -1.02 22.32 -14.87
C ARG A 252 0.01 21.23 -15.18
N GLY A 253 -0.12 20.07 -14.54
CA GLY A 253 0.80 18.98 -14.79
C GLY A 253 0.86 18.62 -16.27
N LEU A 254 -0.31 18.62 -16.92
CA LEU A 254 -0.41 18.29 -18.34
C LEU A 254 0.32 19.29 -19.23
N ASN A 255 0.30 20.56 -18.82
CA ASN A 255 0.92 21.64 -19.56
C ASN A 255 2.38 21.89 -19.18
N GLU A 256 2.90 21.05 -18.29
CA GLU A 256 4.28 21.18 -17.84
C GLU A 256 5.23 20.77 -18.98
N ARG A 257 6.50 21.19 -18.89
CA ARG A 257 7.50 20.89 -19.92
C ARG A 257 7.97 19.43 -20.00
N GLU A 258 8.49 18.91 -18.89
CA GLU A 258 9.00 17.55 -18.85
C GLU A 258 7.98 16.49 -19.25
N THR A 259 8.37 15.65 -20.20
CA THR A 259 7.51 14.57 -20.69
C THR A 259 7.14 13.64 -19.56
N GLY A 260 8.03 13.53 -18.58
CA GLY A 260 7.78 12.67 -17.44
C GLY A 260 6.60 13.16 -16.62
N ILE A 261 6.46 14.48 -16.53
CA ILE A 261 5.37 15.08 -15.77
C ILE A 261 4.06 14.99 -16.57
N LYS A 262 4.17 15.10 -17.89
CA LYS A 262 2.99 14.98 -18.73
C LYS A 262 2.49 13.54 -18.62
N ARG A 263 3.42 12.59 -18.57
CA ARG A 263 3.06 11.18 -18.44
C ARG A 263 2.45 10.85 -17.08
N LYS A 264 3.09 11.28 -16.01
CA LYS A 264 2.58 11.02 -14.66
C LYS A 264 1.19 11.60 -14.48
N SER A 265 1.00 12.82 -14.98
CA SER A 265 -0.31 13.48 -14.90
C SER A 265 -1.39 12.61 -15.55
N ALA A 266 -1.12 12.14 -16.77
CA ALA A 266 -2.09 11.29 -17.46
C ALA A 266 -2.43 10.05 -16.65
N VAL A 267 -1.42 9.39 -16.09
CA VAL A 267 -1.64 8.19 -15.27
C VAL A 267 -2.61 8.46 -14.12
N ILE A 268 -2.37 9.54 -13.38
CA ILE A 268 -3.21 9.94 -12.26
C ILE A 268 -4.63 10.26 -12.73
N ILE A 269 -4.73 10.95 -13.87
CA ILE A 269 -6.02 11.32 -14.44
C ILE A 269 -6.81 10.06 -14.80
N ASP A 270 -6.12 9.08 -15.37
CA ASP A 270 -6.74 7.83 -15.76
C ASP A 270 -7.29 7.09 -14.53
N ASN A 271 -6.43 6.82 -13.56
CA ASN A 271 -6.82 6.10 -12.34
C ASN A 271 -7.95 6.81 -11.56
N MSE A 272 -7.84 8.12 -11.40
CA MSE A 272 -8.85 8.86 -10.67
C MSE A 272 -10.19 8.96 -11.36
O MSE A 272 -11.25 8.75 -10.77
CB MSE A 272 -8.36 10.27 -10.36
CG MSE A 272 -9.45 11.16 -9.79
SE MSE A 272 -8.89 12.97 -9.47
CE MSE A 272 -9.03 13.66 -11.30
N CYS A 273 -10.17 9.30 -12.65
CA CYS A 273 -11.42 9.49 -13.36
C CYS A 273 -12.23 8.24 -13.70
N LYS A 274 -11.60 7.07 -13.77
CA LYS A 274 -12.43 5.91 -14.05
C LYS A 274 -13.24 5.54 -12.81
N LEU A 275 -13.14 6.37 -11.77
CA LEU A 275 -13.91 6.16 -10.54
C LEU A 275 -15.05 7.16 -10.50
N VAL A 276 -15.25 7.85 -11.62
CA VAL A 276 -16.34 8.82 -11.74
C VAL A 276 -17.54 7.99 -12.23
N GLU A 277 -18.67 8.10 -11.55
CA GLU A 277 -19.85 7.33 -11.88
C GLU A 277 -20.97 8.12 -12.56
N ASP A 278 -20.92 9.45 -12.44
CA ASP A 278 -21.93 10.32 -13.04
C ASP A 278 -21.16 11.29 -13.94
N PRO A 279 -21.44 11.28 -15.25
CA PRO A 279 -20.72 12.21 -16.15
C PRO A 279 -20.95 13.68 -15.81
N GLN A 280 -22.10 14.00 -15.24
CA GLN A 280 -22.39 15.38 -14.88
C GLN A 280 -21.41 15.86 -13.80
N VAL A 281 -20.82 14.92 -13.09
CA VAL A 281 -19.84 15.25 -12.04
C VAL A 281 -18.52 15.73 -12.66
N ILE A 282 -18.12 15.11 -13.76
CA ILE A 282 -16.87 15.50 -14.37
C ILE A 282 -17.02 16.50 -15.52
N ALA A 283 -18.25 16.69 -16.01
CA ALA A 283 -18.53 17.61 -17.12
C ALA A 283 -17.88 19.00 -17.01
N PRO A 284 -18.08 19.69 -15.88
CA PRO A 284 -17.48 21.03 -15.77
C PRO A 284 -15.95 21.07 -15.71
N PHE A 285 -15.33 19.90 -15.61
CA PHE A 285 -13.87 19.79 -15.51
C PHE A 285 -13.20 19.30 -16.80
N LEU A 286 -13.99 18.71 -17.69
CA LEU A 286 -13.47 18.17 -18.95
C LEU A 286 -12.68 19.17 -19.78
N GLY A 287 -13.16 20.41 -19.83
CA GLY A 287 -12.49 21.44 -20.62
C GLY A 287 -11.10 21.79 -20.17
N LYS A 288 -10.72 21.32 -18.99
CA LYS A 288 -9.40 21.59 -18.43
C LYS A 288 -8.50 20.37 -18.54
N LEU A 289 -9.01 19.29 -19.12
CA LEU A 289 -8.22 18.06 -19.25
C LEU A 289 -8.08 17.58 -20.69
N LEU A 290 -9.18 17.55 -21.43
CA LEU A 290 -9.18 17.11 -22.83
C LEU A 290 -8.16 17.79 -23.73
N PRO A 291 -8.15 19.14 -23.77
CA PRO A 291 -7.20 19.85 -24.64
C PRO A 291 -5.74 19.54 -24.31
N GLY A 292 -5.40 19.48 -23.03
CA GLY A 292 -4.04 19.16 -22.64
C GLY A 292 -3.64 17.76 -23.08
N LEU A 293 -4.52 16.78 -22.86
CA LEU A 293 -4.23 15.41 -23.24
C LEU A 293 -4.09 15.29 -24.76
N LYS A 294 -4.99 15.95 -25.49
CA LYS A 294 -4.93 15.93 -26.95
C LYS A 294 -3.61 16.51 -27.46
N SER A 295 -3.24 17.65 -26.90
CA SER A 295 -2.01 18.33 -27.27
C SER A 295 -0.78 17.47 -26.97
N ASN A 296 -0.78 16.84 -25.80
CA ASN A 296 0.33 15.99 -25.41
C ASN A 296 0.52 14.77 -26.29
N PHE A 297 -0.59 14.17 -26.73
CA PHE A 297 -0.52 12.99 -27.58
C PHE A 297 0.12 13.32 -28.93
N ALA A 298 -0.12 14.53 -29.42
CA ALA A 298 0.42 14.97 -30.69
C ALA A 298 1.85 15.46 -30.57
N THR A 299 2.21 15.97 -29.40
CA THR A 299 3.54 16.52 -29.14
C THR A 299 4.61 15.57 -28.62
N ILE A 300 4.22 14.61 -27.79
CA ILE A 300 5.17 13.67 -27.23
C ILE A 300 5.63 12.64 -28.26
N ALA A 301 6.89 12.26 -28.18
CA ALA A 301 7.45 11.26 -29.11
C ALA A 301 7.46 9.88 -28.44
N ASP A 302 7.87 9.82 -27.18
CA ASP A 302 7.94 8.58 -26.43
C ASP A 302 6.62 7.81 -26.48
N PRO A 303 6.64 6.59 -27.04
CA PRO A 303 5.44 5.76 -27.15
C PRO A 303 4.73 5.44 -25.83
N GLU A 304 5.50 5.26 -24.76
CA GLU A 304 4.89 4.95 -23.47
C GLU A 304 4.04 6.11 -22.97
N ALA A 305 4.63 7.30 -22.96
CA ALA A 305 3.93 8.49 -22.54
C ALA A 305 2.71 8.70 -23.45
N ARG A 306 2.84 8.32 -24.71
CA ARG A 306 1.74 8.46 -25.65
C ARG A 306 0.57 7.52 -25.33
N GLU A 307 0.89 6.27 -25.03
CA GLU A 307 -0.14 5.29 -24.71
C GLU A 307 -0.87 5.71 -23.43
N VAL A 308 -0.11 6.16 -22.44
CA VAL A 308 -0.68 6.59 -21.17
C VAL A 308 -1.60 7.79 -21.36
N THR A 309 -1.14 8.74 -22.18
CA THR A 309 -1.91 9.93 -22.49
C THR A 309 -3.20 9.55 -23.22
N LEU A 310 -3.09 8.63 -24.18
CA LEU A 310 -4.25 8.18 -24.96
C LEU A 310 -5.23 7.38 -24.11
N ARG A 311 -4.71 6.59 -23.18
CA ARG A 311 -5.56 5.78 -22.31
C ARG A 311 -6.42 6.69 -21.43
N ALA A 312 -5.80 7.75 -20.89
CA ALA A 312 -6.53 8.68 -20.04
C ALA A 312 -7.59 9.41 -20.85
N LEU A 313 -7.26 9.71 -22.12
CA LEU A 313 -8.19 10.40 -23.00
C LEU A 313 -9.41 9.53 -23.30
N LYS A 314 -9.21 8.23 -23.45
CA LYS A 314 -10.32 7.33 -23.72
C LYS A 314 -11.20 7.18 -22.47
N THR A 315 -10.57 7.16 -21.30
CA THR A 315 -11.31 7.05 -20.05
C THR A 315 -12.16 8.31 -19.85
N LEU A 316 -11.56 9.46 -20.09
CA LEU A 316 -12.26 10.74 -19.94
C LEU A 316 -13.48 10.81 -20.87
N ARG A 317 -13.32 10.34 -22.10
CA ARG A 317 -14.42 10.34 -23.06
C ARG A 317 -15.53 9.36 -22.67
N ARG A 318 -15.15 8.22 -22.10
CA ARG A 318 -16.11 7.23 -21.69
C ARG A 318 -16.86 7.75 -20.46
N VAL A 319 -16.10 8.00 -19.40
CA VAL A 319 -16.65 8.49 -18.16
C VAL A 319 -17.31 9.86 -18.24
N GLY A 320 -16.12 7.86 -19.70
CA GLY A 320 -16.92 8.97 -19.23
C GLY A 320 -18.17 9.13 -20.05
N ASN A 321 -18.32 8.30 -21.08
CA ASN A 321 -19.51 8.38 -21.93
C ASN A 321 -19.64 9.83 -22.43
N VAL A 322 -18.54 10.42 -22.92
CA VAL A 322 -18.65 11.80 -23.38
C VAL A 322 -19.31 11.85 -24.75
N GLY A 323 -20.17 12.84 -24.94
CA GLY A 323 -20.87 12.96 -26.19
C GLY A 323 -20.17 13.83 -27.21
N GLU A 324 -20.96 14.31 -28.17
CA GLU A 324 -20.45 15.14 -29.23
C GLU A 324 -19.78 16.41 -28.71
N ASP A 325 -18.70 16.78 -29.39
CA ASP A 325 -17.92 17.96 -29.05
C ASP A 325 -17.40 17.90 -27.64
N ASP A 326 -17.14 16.69 -27.18
CA ASP A 326 -16.62 16.46 -25.83
C ASP A 326 -17.51 16.98 -24.72
N ALA A 327 -18.82 16.85 -24.92
CA ALA A 327 -19.78 17.31 -23.92
C ALA A 327 -19.85 16.26 -22.82
N ILE A 328 -19.80 16.75 -21.59
CA ILE A 328 -19.88 15.88 -20.41
C ILE A 328 -21.33 15.45 -20.34
N PRO A 329 -21.58 14.14 -20.16
CA PRO A 329 -22.95 13.61 -20.09
C PRO A 329 -23.80 14.31 -19.02
N GLU A 330 -25.09 14.46 -19.32
CA GLU A 330 -25.99 15.11 -18.38
C GLU A 330 -25.92 14.45 -17.01
N LEU A 331 -25.63 15.25 -16.00
CA LEU A 331 -25.53 14.73 -14.63
C LEU A 331 -26.93 14.40 -14.11
N SER A 332 -27.11 13.17 -13.62
CA SER A 332 -28.41 12.82 -13.09
C SER A 332 -28.48 13.55 -11.75
N HIS A 333 -29.66 14.04 -11.42
CA HIS A 333 -29.85 14.75 -10.16
C HIS A 333 -30.77 13.90 -9.29
N ALA A 334 -30.75 12.59 -9.54
CA ALA A 334 -31.59 11.67 -8.80
C ALA A 334 -31.27 11.70 -7.31
N GLY A 335 -30.00 11.92 -6.99
CA GLY A 335 -29.56 11.96 -5.60
C GLY A 335 -29.46 13.32 -4.96
N ASP A 336 -28.53 14.33 -5.92
CA ASP A 336 -28.32 15.66 -6.47
C ASP A 336 -29.41 16.61 -5.99
N VAL A 337 -29.05 17.84 -5.67
CA VAL A 337 -30.02 18.82 -5.22
C VAL A 337 -31.05 19.04 -6.32
N SER A 338 -30.62 19.04 -7.57
CA SER A 338 -31.54 19.26 -8.69
C SER A 338 -32.59 18.15 -8.71
N THR A 339 -32.20 16.95 -8.30
CA THR A 339 -33.15 15.84 -8.27
C THR A 339 -34.19 16.02 -7.14
N THR A 340 -33.73 16.22 -5.92
CA THR A 340 -34.70 16.40 -4.83
C THR A 340 -35.51 17.69 -5.01
N LEU A 341 -34.90 18.72 -5.58
CA LEU A 341 -35.60 19.99 -5.82
C LEU A 341 -36.78 19.78 -6.78
N GLN A 342 -36.56 18.99 -7.83
CA GLN A 342 -37.61 18.72 -8.80
C GLN A 342 -38.75 17.98 -8.13
N VAL A 343 -38.40 17.06 -7.24
CA VAL A 343 -39.38 16.27 -6.49
C VAL A 343 -40.26 17.15 -5.59
N VAL A 344 -39.66 18.04 -4.80
CA VAL A 344 -40.47 18.90 -3.92
C VAL A 344 -41.29 19.92 -4.67
N ASN A 345 -40.74 20.48 -5.74
CA ASN A 345 -41.49 21.47 -6.51
C ASN A 345 -42.74 20.82 -7.12
N GLU A 346 -42.61 19.57 -7.56
CA GLU A 346 -43.75 18.85 -8.13
C GLU A 346 -44.78 18.62 -7.04
N LEU A 347 -44.32 18.23 -5.86
CA LEU A 347 -45.23 18.00 -4.74
C LEU A 347 -45.84 19.30 -4.23
N LEU A 348 -45.24 20.43 -4.58
CA LEU A 348 -45.76 21.74 -4.18
C LEU A 348 -46.48 22.49 -5.31
N LYS A 349 -46.63 21.83 -6.47
CA LYS A 349 -47.27 22.46 -7.63
C LYS A 349 -48.64 23.11 -7.40
N ASP A 350 -49.45 22.55 -6.50
CA ASP A 350 -50.78 23.12 -6.25
C ASP A 350 -50.76 24.03 -5.04
N GLU A 351 -49.56 24.34 -4.56
CA GLU A 351 -49.40 25.21 -3.42
C GLU A 351 -48.79 26.50 -3.93
N THR A 352 -49.31 27.64 -3.50
CA THR A 352 -48.77 28.91 -3.95
C THR A 352 -47.63 29.31 -3.03
N VAL A 353 -46.40 29.10 -3.49
CA VAL A 353 -45.22 29.46 -2.70
C VAL A 353 -44.70 30.84 -3.08
N ALA A 354 -44.86 31.79 -2.18
CA ALA A 354 -44.40 33.15 -2.44
C ALA A 354 -42.91 33.24 -2.69
N PRO A 355 -42.48 34.23 -3.50
CA PRO A 355 -41.08 34.45 -3.83
C PRO A 355 -40.15 34.43 -2.61
N ARG A 356 -40.60 35.02 -1.52
CA ARG A 356 -39.78 35.09 -0.32
C ARG A 356 -39.51 33.73 0.34
N PHE A 357 -40.21 32.70 -0.10
CA PHE A 357 -40.03 31.36 0.46
C PHE A 357 -39.24 30.45 -0.48
N LYS A 358 -38.89 30.95 -1.66
CA LYS A 358 -38.14 30.16 -2.62
C LYS A 358 -36.84 29.65 -2.02
N ILE A 359 -36.14 30.51 -1.29
CA ILE A 359 -34.89 30.12 -0.67
C ILE A 359 -35.10 28.93 0.30
N VAL A 360 -36.24 28.87 0.97
CA VAL A 360 -36.50 27.79 1.92
C VAL A 360 -36.73 26.45 1.20
N VAL A 361 -37.43 26.48 0.08
CA VAL A 361 -37.69 25.28 -0.68
C VAL A 361 -36.36 24.71 -1.14
N GLU A 362 -35.47 25.59 -1.59
CA GLU A 362 -34.14 25.19 -2.04
C GLU A 362 -33.35 24.59 -0.87
N TYR A 363 -33.51 25.19 0.30
CA TYR A 363 -32.83 24.71 1.50
C TYR A 363 -33.32 23.31 1.83
N ILE A 364 -34.63 23.14 1.76
CA ILE A 364 -35.24 21.85 2.02
C ILE A 364 -34.73 20.81 1.03
N ALA A 365 -34.55 21.23 -0.22
CA ALA A 365 -34.07 20.33 -1.26
C ALA A 365 -32.63 19.90 -0.98
N ALA A 366 -31.82 20.81 -0.46
CA ALA A 366 -30.43 20.51 -0.16
C ALA A 366 -30.39 19.47 0.95
N ILE A 367 -31.11 19.73 2.04
CA ILE A 367 -31.13 18.81 3.15
C ILE A 367 -31.52 17.40 2.69
N GLY A 368 -32.61 17.31 1.94
CA GLY A 368 -33.04 16.02 1.44
C GLY A 368 -32.00 15.32 0.60
N ALA A 369 -31.29 16.08 -0.22
CA ALA A 369 -30.26 15.50 -1.07
C ALA A 369 -29.14 14.91 -0.22
N ASP A 370 -28.87 15.50 0.93
CA ASP A 370 -27.83 14.99 1.80
C ASP A 370 -28.31 13.76 2.59
N LEU A 371 -29.58 13.76 2.99
CA LEU A 371 -30.09 12.61 3.74
C LEU A 371 -29.92 11.36 2.88
N ILE A 372 -30.22 11.49 1.59
CA ILE A 372 -30.10 10.39 0.66
C ILE A 372 -28.64 9.95 0.53
N ASP A 373 -27.72 10.90 0.43
CA ASP A 373 -26.30 10.57 0.32
C ASP A 373 -25.80 9.86 1.56
N GLU A 374 -26.40 10.19 2.71
CA GLU A 374 -26.01 9.56 3.98
C GLU A 374 -26.85 8.30 4.22
N ARG A 375 -27.74 8.00 3.29
CA ARG A 375 -28.61 6.84 3.40
C ARG A 375 -29.41 6.87 4.71
N ILE A 376 -30.07 7.99 4.95
CA ILE A 376 -30.93 8.18 6.11
C ILE A 376 -32.29 8.21 5.43
N ILE A 377 -33.04 7.11 5.61
CA ILE A 377 -34.31 6.93 4.93
C ILE A 377 -35.60 6.80 5.77
N ASP A 378 -35.48 6.67 7.08
CA ASP A 378 -36.69 6.51 7.90
C ASP A 378 -37.50 7.81 7.99
N GLN A 379 -38.80 7.65 8.26
CA GLN A 379 -39.71 8.79 8.37
C GLN A 379 -39.37 9.81 9.44
N GLN A 380 -39.02 9.34 10.63
CA GLN A 380 -38.69 10.24 11.74
C GLN A 380 -37.47 11.11 11.45
N ALA A 381 -36.49 10.52 10.77
CA ALA A 381 -35.27 11.24 10.41
C ALA A 381 -35.60 12.44 9.54
N TRP A 382 -36.46 12.24 8.54
CA TRP A 382 -36.86 13.33 7.66
C TRP A 382 -37.74 14.36 8.40
N PHE A 383 -38.60 13.92 9.32
CA PHE A 383 -39.42 14.88 10.06
C PHE A 383 -38.56 15.73 10.99
N THR A 384 -37.49 15.14 11.52
CA THR A 384 -36.59 15.87 12.41
C THR A 384 -35.89 17.02 11.67
N HIS A 385 -35.41 16.73 10.46
CA HIS A 385 -34.68 17.71 9.68
C HIS A 385 -35.42 18.68 8.78
N ILE A 386 -36.45 18.22 8.09
CA ILE A 386 -37.15 19.06 7.12
C ILE A 386 -38.43 19.78 7.53
N THR A 387 -39.30 19.12 8.28
CA THR A 387 -40.57 19.73 8.70
C THR A 387 -40.44 21.16 9.24
N PRO A 388 -39.44 21.40 10.12
CA PRO A 388 -39.27 22.75 10.67
C PRO A 388 -39.07 23.89 9.67
N TYR A 389 -38.52 23.58 8.51
CA TYR A 389 -38.33 24.60 7.49
C TYR A 389 -39.63 24.79 6.69
N MSE A 390 -40.36 23.69 6.49
CA MSE A 390 -41.61 23.71 5.75
C MSE A 390 -42.73 24.51 6.40
O MSE A 390 -43.55 25.12 5.72
CB MSE A 390 -42.10 22.30 5.49
CG MSE A 390 -41.22 21.53 4.54
SE MSE A 390 -42.05 19.89 4.02
CE MSE A 390 -43.11 20.55 2.54
N THR A 391 -42.79 24.48 7.73
CA THR A 391 -43.84 25.21 8.42
C THR A 391 -43.61 26.69 8.43
N ILE A 392 -42.55 27.13 7.77
CA ILE A 392 -42.27 28.54 7.65
C ILE A 392 -43.35 29.11 6.74
N PHE A 393 -43.75 28.34 5.72
CA PHE A 393 -44.77 28.80 4.78
C PHE A 393 -45.94 27.83 4.58
N LEU A 394 -46.00 26.78 5.39
CA LEU A 394 -47.08 25.78 5.29
C LEU A 394 -47.59 25.33 6.65
N HIS A 395 -48.83 24.85 6.69
CA HIS A 395 -49.41 24.33 7.92
C HIS A 395 -48.78 22.97 8.20
N GLU A 396 -48.65 22.63 9.47
CA GLU A 396 -48.04 21.39 9.88
C GLU A 396 -48.56 20.12 9.18
N LYS A 397 -49.87 19.96 9.13
CA LYS A 397 -50.41 18.76 8.50
C LYS A 397 -50.07 18.64 7.02
N LYS A 398 -50.26 19.72 6.28
CA LYS A 398 -49.93 19.73 4.86
C LYS A 398 -48.44 19.44 4.73
N ALA A 399 -47.64 20.06 5.59
CA ALA A 399 -46.20 19.87 5.52
C ALA A 399 -45.81 18.41 5.76
N LYS A 400 -46.38 17.80 6.80
CA LYS A 400 -46.05 16.41 7.09
C LYS A 400 -46.52 15.47 5.99
N ASP A 401 -47.67 15.74 5.39
CA ASP A 401 -48.16 14.87 4.32
C ASP A 401 -47.26 14.94 3.09
N ILE A 402 -46.85 16.14 2.70
CA ILE A 402 -45.97 16.32 1.56
C ILE A 402 -44.59 15.77 1.89
N LEU A 403 -44.12 16.04 3.09
CA LEU A 403 -42.82 15.59 3.53
C LEU A 403 -42.69 14.07 3.42
N ASP A 404 -43.74 13.37 3.85
CA ASP A 404 -43.68 11.93 3.78
C ASP A 404 -43.67 11.40 2.35
N GLU A 405 -44.31 12.13 1.44
CA GLU A 405 -44.33 11.72 0.04
C GLU A 405 -42.97 12.06 -0.59
N PHE A 406 -42.41 13.19 -0.18
CA PHE A 406 -41.10 13.66 -0.67
C PHE A 406 -40.03 12.63 -0.34
N ARG A 407 -40.05 12.17 0.90
CA ARG A 407 -39.09 11.17 1.36
C ARG A 407 -39.21 9.88 0.55
N LYS A 408 -40.43 9.37 0.41
CA LYS A 408 -40.66 8.14 -0.33
C LYS A 408 -40.17 8.23 -1.78
N ARG A 409 -40.49 9.34 -2.44
CA ARG A 409 -40.07 9.49 -3.82
C ARG A 409 -38.57 9.65 -3.93
N ALA A 410 -37.97 10.41 -3.02
CA ALA A 410 -36.52 10.62 -3.07
C ALA A 410 -35.81 9.31 -2.78
N VAL A 411 -36.23 8.62 -1.73
CA VAL A 411 -35.61 7.35 -1.34
C VAL A 411 -35.71 6.33 -2.45
N ASP A 412 -36.80 6.38 -3.19
CA ASP A 412 -37.03 5.45 -4.27
C ASP A 412 -35.99 5.57 -5.38
N ASN A 413 -35.30 6.72 -5.44
CA ASN A 413 -34.27 6.93 -6.46
C ASN A 413 -32.94 6.29 -6.09
N ILE A 414 -32.83 5.82 -4.85
CA ILE A 414 -31.59 5.19 -4.44
C ILE A 414 -31.38 3.95 -5.30
N PRO A 415 -30.23 3.88 -5.99
CA PRO A 415 -29.89 2.74 -6.86
C PRO A 415 -29.85 1.39 -6.16
N VAL A 416 -30.11 0.34 -6.94
CA VAL A 416 -30.11 -1.03 -6.46
C VAL A 416 -28.84 -1.42 -5.71
N GLY A 417 -26.64 -1.59 -2.32
CA GLY A 417 -27.89 -1.57 -3.06
C GLY A 417 -27.63 -1.62 -4.56
N PRO A 418 -28.45 -5.48 -9.18
CA PRO A 418 -28.23 -5.22 -7.75
C PRO A 418 -27.00 -5.92 -7.20
N ASN A 419 -26.51 -5.43 -6.06
CA ASN A 419 -25.34 -6.04 -5.43
C ASN A 419 -25.85 -7.40 -4.92
N PHE A 420 -25.25 -7.92 -3.86
CA PHE A 420 -25.73 -9.20 -3.36
C PHE A 420 -26.04 -9.20 -1.86
N ASP A 421 -26.45 -10.34 -1.33
CA ASP A 421 -26.79 -10.47 0.08
C ASP A 421 -26.13 -11.67 0.76
N ASP A 422 -24.91 -11.50 1.26
CA ASP A 422 -24.18 -12.58 1.92
C ASP A 422 -25.04 -13.37 2.92
N GLU A 423 -25.85 -12.66 3.70
CA GLU A 423 -26.73 -13.25 4.71
C GLU A 423 -27.22 -14.69 4.50
N GLU A 424 -27.50 -15.08 3.25
CA GLU A 424 -27.93 -16.46 2.98
C GLU A 424 -26.89 -17.32 3.69
N ASP A 425 -25.71 -16.71 3.80
CA ASP A 425 -24.52 -17.18 4.49
C ASP A 425 -24.14 -18.63 4.63
N GLU A 426 -23.39 -18.90 5.70
CA GLU A 426 -22.93 -20.24 6.11
C GLU A 426 -22.31 -20.19 7.52
N GLY A 427 -21.42 -19.21 7.75
CA GLY A 427 -20.76 -19.08 9.03
C GLY A 427 -21.48 -18.29 10.13
N GLU A 428 -20.66 -19.21 10.45
CA GLU A 428 -21.29 -17.94 10.85
C GLU A 428 -20.48 -16.71 10.41
N ASP A 429 -21.19 -15.63 10.11
CA ASP A 429 -20.61 -14.37 9.66
C ASP A 429 -19.32 -13.95 10.37
N LEU A 430 -18.25 -13.71 9.60
CA LEU A 430 -16.98 -13.26 10.17
C LEU A 430 -16.58 -11.90 9.59
N CYS A 431 -16.69 -11.75 8.27
CA CYS A 431 -16.34 -10.48 7.61
C CYS A 431 -16.88 -10.36 6.18
N ASN A 432 -17.49 -9.21 5.91
CA ASN A 432 -18.09 -8.89 4.60
C ASN A 432 -17.66 -7.48 4.20
N CYS A 433 -16.93 -7.35 3.09
CA CYS A 433 -16.45 -6.03 2.67
C CYS A 433 -16.14 -5.84 1.18
N GLU A 434 -16.57 -4.70 0.64
CA GLU A 434 -16.32 -4.33 -0.75
C GLU A 434 -15.17 -3.32 -0.67
N PHE A 435 -13.92 -3.79 -0.79
CA PHE A 435 -12.73 -2.92 -0.70
C PHE A 435 -11.92 -2.77 -1.99
N SER A 436 -10.86 -1.98 -1.93
CA SER A 436 -9.98 -1.74 -3.07
C SER A 436 -8.50 -1.69 -2.65
N LEU A 437 -7.82 -2.83 -2.80
CA LEU A 437 -6.41 -2.94 -2.46
C LEU A 437 -5.53 -2.13 -3.42
N ALA A 438 -4.34 -1.74 -2.97
CA ALA A 438 -3.42 -0.96 -3.79
C ALA A 438 -2.06 -0.78 -3.10
N TYR A 439 -1.14 -1.69 -3.36
CA TYR A 439 0.19 -1.64 -2.76
C TYR A 439 1.14 -0.68 -3.48
N GLY A 440 1.41 0.46 -2.82
CA GLY A 440 2.32 1.45 -3.39
C GLY A 440 1.89 2.03 -4.73
N ALA A 441 0.70 2.60 -4.77
CA ALA A 441 0.14 3.20 -5.98
C ALA A 441 -0.23 2.18 -7.06
N LYS A 442 0.24 0.95 -6.90
CA LYS A 442 -0.05 -0.13 -7.84
C LYS A 442 -1.39 -0.76 -7.50
N ILE A 443 -2.30 -0.79 -8.47
CA ILE A 443 -3.62 -1.37 -8.26
C ILE A 443 -3.62 -2.88 -8.45
N LEU A 444 -3.85 -3.60 -7.35
CA LEU A 444 -3.90 -5.05 -7.39
C LEU A 444 -5.35 -5.48 -7.50
N LEU A 445 -6.24 -4.71 -6.86
CA LEU A 445 -7.68 -4.98 -6.87
C LEU A 445 -8.44 -3.70 -7.19
N ASN A 446 -9.54 -3.84 -7.93
CA ASN A 446 -10.36 -2.69 -8.31
C ASN A 446 -11.83 -2.98 -7.99
N LYS A 447 -12.21 -2.69 -6.74
CA LYS A 447 -13.57 -2.91 -6.26
C LYS A 447 -13.93 -4.41 -6.25
N THR A 448 -13.47 -5.10 -5.22
CA THR A 448 -13.72 -6.54 -5.10
C THR A 448 -14.23 -6.94 -3.72
N GLN A 449 -15.02 -8.01 -3.67
CA GLN A 449 -15.59 -8.52 -2.43
C GLN A 449 -14.71 -9.60 -1.78
N LEU A 450 -14.92 -9.85 -0.49
CA LEU A 450 -14.14 -10.86 0.23
C LEU A 450 -14.80 -11.32 1.54
N ARG A 451 -15.84 -12.13 1.42
CA ARG A 451 -16.55 -12.66 2.58
C ARG A 451 -15.79 -13.87 3.13
N LEU A 452 -16.08 -14.26 4.37
CA LEU A 452 -15.41 -15.40 5.02
C LEU A 452 -16.25 -15.96 6.18
N LYS A 453 -16.49 -17.27 6.16
CA LYS A 453 -17.26 -17.94 7.21
C LYS A 453 -16.36 -18.45 8.34
N ARG A 454 -16.97 -18.85 9.46
CA ARG A 454 -16.23 -19.37 10.61
C ARG A 454 -16.05 -20.88 10.49
N ALA A 455 -14.85 -21.35 10.83
CA ALA A 455 -14.49 -22.77 10.79
C ALA A 455 -14.48 -23.37 9.39
N ARG A 456 -14.14 -22.57 8.39
CA ARG A 456 -14.08 -23.03 7.00
C ARG A 456 -12.72 -22.74 6.38
N ARG A 457 -12.08 -23.80 5.89
CA ARG A 457 -10.76 -23.71 5.27
C ARG A 457 -10.77 -22.99 3.92
N TYR A 458 -9.67 -22.29 3.62
CA TYR A 458 -9.54 -21.54 2.37
C TYR A 458 -8.19 -21.74 1.69
N GLY A 459 -7.90 -20.92 0.69
CA GLY A 459 -6.65 -21.01 -0.03
C GLY A 459 -6.56 -20.09 -1.23
N ILE A 460 -5.87 -18.96 -1.08
CA ILE A 460 -5.71 -17.99 -2.16
C ILE A 460 -4.78 -18.50 -3.26
N CYS A 461 -5.23 -18.41 -4.51
CA CYS A 461 -4.43 -18.85 -5.65
C CYS A 461 -4.20 -17.71 -6.64
N GLY A 462 -3.76 -18.08 -7.85
CA GLY A 462 -3.50 -17.09 -8.88
C GLY A 462 -2.01 -16.98 -9.18
N PRO A 463 -1.63 -16.28 -10.26
CA PRO A 463 -0.24 -16.09 -10.67
C PRO A 463 0.52 -15.11 -9.79
N ASN A 464 1.85 -15.11 -9.94
CA ASN A 464 2.75 -14.24 -9.19
C ASN A 464 2.59 -12.78 -9.59
N GLY A 465 2.83 -11.87 -8.63
CA GLY A 465 2.72 -10.45 -8.90
C GLY A 465 1.31 -9.92 -8.94
N CYS A 466 0.34 -10.74 -8.56
CA CYS A 466 -1.06 -10.33 -8.56
C CYS A 466 -1.39 -9.59 -7.26
N GLY A 467 -0.94 -10.14 -6.13
CA GLY A 467 -1.19 -9.52 -4.84
C GLY A 467 -1.60 -10.49 -3.75
N LYS A 468 -1.16 -11.75 -3.87
CA LYS A 468 -1.47 -12.77 -2.87
C LYS A 468 -0.91 -12.45 -1.49
N SER A 469 0.32 -11.94 -1.45
CA SER A 469 0.96 -11.59 -0.19
C SER A 469 0.38 -10.31 0.38
N THR A 470 0.22 -9.30 -0.48
CA THR A 470 -0.33 -8.00 -0.08
C THR A 470 -1.77 -8.16 0.42
N LEU A 471 -2.50 -9.14 -0.11
CA LEU A 471 -3.88 -9.38 0.30
C LEU A 471 -3.87 -9.90 1.73
N MSE A 472 -2.93 -10.78 2.03
CA MSE A 472 -2.82 -11.33 3.37
C MSE A 472 -2.27 -10.29 4.34
O MSE A 472 -2.56 -10.36 5.53
CB MSE A 472 -1.94 -12.59 3.38
CG MSE A 472 -1.82 -13.25 4.74
SE MSE A 472 -0.77 -14.88 4.72
CE MSE A 472 -2.19 -16.15 4.40
N ARG A 473 -1.44 -9.35 3.85
CA ARG A 473 -0.86 -8.30 4.70
C ARG A 473 -1.94 -7.35 5.21
N ALA A 474 -2.91 -7.07 4.36
CA ALA A 474 -4.01 -6.19 4.72
C ALA A 474 -5.03 -6.88 5.62
N ILE A 475 -5.06 -8.21 5.58
CA ILE A 475 -6.00 -8.97 6.41
C ILE A 475 -5.65 -8.87 7.89
N ALA A 476 -4.37 -8.96 8.22
CA ALA A 476 -3.92 -8.89 9.61
C ALA A 476 -3.78 -7.47 10.15
N ASN A 477 -2.91 -6.68 9.52
CA ASN A 477 -2.68 -5.30 9.96
C ASN A 477 -3.95 -4.45 9.98
N GLY A 478 -5.00 -4.92 9.30
CA GLY A 478 -6.26 -4.22 9.26
C GLY A 478 -6.37 -3.05 8.31
N GLN A 479 -5.72 -3.13 7.16
CA GLN A 479 -5.80 -2.05 6.18
C GLN A 479 -7.01 -2.20 5.24
N VAL A 480 -7.64 -3.36 5.29
CA VAL A 480 -8.82 -3.64 4.47
C VAL A 480 -10.03 -2.87 5.01
N ASP A 481 -10.72 -2.15 4.13
CA ASP A 481 -11.89 -1.39 4.53
C ASP A 481 -13.04 -2.34 4.86
N GLY A 482 -13.75 -2.04 5.94
CA GLY A 482 -14.87 -2.88 6.34
C GLY A 482 -14.48 -4.08 7.20
N PHE A 483 -13.25 -4.57 7.03
CA PHE A 483 -12.76 -5.71 7.79
C PHE A 483 -12.74 -5.38 9.28
N PRO A 484 -13.30 -6.28 10.11
CA PRO A 484 -13.36 -6.11 11.57
C PRO A 484 -11.98 -5.96 12.20
N THR A 485 -11.92 -5.22 13.31
CA THR A 485 -10.65 -5.02 14.02
C THR A 485 -10.27 -6.21 14.88
N GLN A 486 -9.20 -6.04 15.67
CA GLN A 486 -8.69 -7.10 16.54
C GLN A 486 -9.67 -7.52 17.64
N GLU A 487 -10.37 -6.55 18.23
CA GLU A 487 -11.32 -6.84 19.30
C GLU A 487 -12.52 -7.70 18.88
N GLU A 488 -12.86 -7.68 17.59
CA GLU A 488 -13.97 -8.47 17.08
C GLU A 488 -13.53 -9.75 16.35
N CYS A 489 -12.30 -9.75 15.83
CA CYS A 489 -11.76 -10.91 15.11
C CYS A 489 -10.24 -10.84 14.95
N ARG A 490 -9.53 -11.29 15.99
CA ARG A 490 -8.06 -11.28 16.00
C ARG A 490 -7.52 -12.35 15.03
N THR A 491 -6.65 -11.94 14.12
CA THR A 491 -6.07 -12.87 13.16
C THR A 491 -4.54 -12.82 13.10
N VAL A 492 -3.93 -14.00 13.04
CA VAL A 492 -2.48 -14.12 12.98
C VAL A 492 -2.07 -15.04 11.84
N TYR A 493 -0.16 -12.95 10.35
CA TYR A 493 0.76 -13.00 9.21
C TYR A 493 2.03 -13.80 9.59
N VAL A 494 2.38 -14.75 8.75
CA VAL A 494 3.55 -15.61 8.97
C VAL A 494 4.84 -14.98 8.46
N GLU A 495 5.86 -14.99 9.31
CA GLU A 495 7.20 -14.46 9.01
C GLU A 495 7.35 -13.01 8.56
N HIS A 496 6.23 -12.33 8.28
CA HIS A 496 6.32 -10.93 7.85
C HIS A 496 6.19 -9.96 9.02
N ASP A 497 6.44 -10.48 10.22
CA ASP A 497 6.37 -9.69 11.45
C ASP A 497 7.57 -8.76 11.65
N ILE A 498 7.43 -7.81 12.58
CA ILE A 498 8.50 -6.85 12.89
C ILE A 498 8.75 -6.81 14.40
N ASP A 499 9.96 -7.20 14.79
CA ASP A 499 10.36 -7.25 16.20
C ASP A 499 11.63 -6.46 16.54
N GLY A 500 12.51 -7.11 17.32
CA GLY A 500 13.77 -6.50 17.72
C GLY A 500 14.59 -7.45 18.59
N THR A 501 14.24 -8.74 18.52
CA THR A 501 14.93 -9.77 19.29
C THR A 501 16.36 -10.01 18.80
N HIS A 502 17.15 -10.70 19.62
CA HIS A 502 18.56 -10.99 19.31
C HIS A 502 18.75 -12.24 18.47
N SER A 503 20.00 -12.70 18.42
CA SER A 503 20.38 -13.90 17.67
C SER A 503 21.07 -14.92 18.58
N ASP A 504 21.06 -14.64 19.89
CA ASP A 504 21.66 -15.51 20.89
C ASP A 504 20.54 -16.20 21.68
N THR A 505 19.35 -15.60 21.66
CA THR A 505 18.18 -16.12 22.35
C THR A 505 17.63 -17.38 21.67
N SER A 506 17.09 -18.31 22.47
CA SER A 506 16.54 -19.56 21.96
C SER A 506 15.13 -19.45 21.35
N VAL A 507 14.48 -20.60 21.17
CA VAL A 507 13.14 -20.68 20.60
C VAL A 507 12.03 -20.58 21.64
N LEU A 508 12.26 -21.21 22.80
CA LEU A 508 11.29 -21.22 23.88
C LEU A 508 10.92 -19.84 24.42
N ASP A 509 11.93 -19.05 24.79
CA ASP A 509 11.69 -17.71 25.31
C ASP A 509 11.36 -16.68 24.24
N PHE A 510 11.41 -17.10 22.97
CA PHE A 510 11.09 -16.22 21.85
C PHE A 510 9.57 -16.04 21.77
N VAL A 511 8.83 -17.14 21.92
CA VAL A 511 7.38 -17.12 21.88
C VAL A 511 6.85 -16.68 23.26
N PHE A 512 7.75 -16.43 24.19
CA PHE A 512 7.38 -16.03 25.54
C PHE A 512 7.25 -14.54 25.80
N GLU A 513 8.22 -13.75 25.33
CA GLU A 513 8.18 -12.29 25.53
C GLU A 513 6.95 -11.63 24.92
N SER A 514 6.31 -12.32 23.98
CA SER A 514 5.11 -11.79 23.32
C SER A 514 3.92 -11.76 24.28
N GLY A 515 3.95 -12.64 25.28
CA GLY A 515 2.88 -12.72 26.26
C GLY A 515 1.78 -13.68 25.86
N VAL A 516 2.16 -14.76 25.18
CA VAL A 516 1.21 -15.77 24.74
C VAL A 516 1.12 -16.91 25.76
N GLY A 517 0.80 -16.55 27.01
CA GLY A 517 0.68 -17.55 28.05
C GLY A 517 1.95 -17.81 28.84
N THR A 518 2.10 -19.06 29.29
CA THR A 518 3.26 -19.45 30.08
C THR A 518 4.17 -20.42 29.30
N LYS A 519 5.37 -20.64 29.82
CA LYS A 519 6.34 -21.54 29.20
C LYS A 519 5.90 -23.00 29.18
N GLU A 520 5.15 -23.41 30.20
CA GLU A 520 4.67 -24.79 30.30
C GLU A 520 3.54 -25.09 29.32
N ALA A 521 2.88 -24.03 28.83
CA ALA A 521 1.78 -24.18 27.88
C ALA A 521 2.29 -24.08 26.44
N ILE A 522 3.37 -23.34 26.26
CA ILE A 522 3.97 -23.15 24.94
C ILE A 522 4.82 -24.35 24.55
N LYS A 523 5.46 -24.97 25.54
CA LYS A 523 6.31 -26.12 25.32
C LYS A 523 5.52 -27.41 25.08
N ASP A 524 4.24 -27.40 25.46
CA ASP A 524 3.37 -28.54 25.28
C ASP A 524 2.89 -28.60 23.82
N LYS A 525 2.70 -27.43 23.23
CA LYS A 525 2.25 -27.31 21.84
C LYS A 525 3.37 -27.44 20.81
N LEU A 526 4.61 -27.20 21.24
CA LEU A 526 5.76 -27.30 20.35
C LEU A 526 6.17 -28.75 20.10
N ILE A 527 6.12 -29.58 21.14
CA ILE A 527 6.49 -30.99 21.03
C ILE A 527 5.47 -31.75 20.17
N GLU A 528 4.19 -31.37 20.31
CA GLU A 528 3.13 -32.01 19.53
C GLU A 528 3.21 -31.55 18.08
N PHE A 529 3.68 -30.33 17.87
CA PHE A 529 3.81 -29.77 16.52
C PHE A 529 4.96 -30.43 15.75
N GLY A 530 6.03 -30.78 16.45
CA GLY A 530 7.16 -31.42 15.81
C GLY A 530 8.50 -31.17 16.47
N PHE A 531 8.64 -30.02 17.10
CA PHE A 531 9.88 -29.64 17.79
C PHE A 531 10.26 -30.60 18.91
N THR A 532 11.49 -31.11 18.86
CA THR A 532 11.99 -32.03 19.88
C THR A 532 12.55 -31.21 21.05
N ASP A 533 12.86 -31.88 22.17
CA ASP A 533 13.40 -31.23 23.36
C ASP A 533 14.64 -30.38 23.08
N GLU A 534 15.36 -30.72 22.02
CA GLU A 534 16.59 -30.03 21.65
C GLU A 534 16.36 -28.76 20.83
N MSE A 535 15.44 -28.83 19.87
CA MSE A 535 15.14 -27.67 19.01
C MSE A 535 14.39 -26.56 19.73
O MSE A 535 14.13 -25.50 19.18
CB MSE A 535 14.38 -28.12 17.77
CG MSE A 535 15.11 -29.15 16.94
SE MSE A 535 14.45 -29.32 15.14
CE MSE A 535 15.93 -28.47 14.22
N ILE A 536 14.02 -26.83 20.99
CA ILE A 536 13.32 -25.86 21.81
C ILE A 536 14.33 -25.22 22.76
N ALA A 537 15.60 -25.59 22.58
CA ALA A 537 16.69 -25.07 23.41
C ALA A 537 17.79 -24.41 22.59
N MSE A 538 17.59 -24.32 21.27
CA MSE A 538 18.57 -23.68 20.39
C MSE A 538 18.04 -22.34 19.90
O MSE A 538 16.83 -22.10 19.89
CB MSE A 538 18.89 -24.60 19.20
CG MSE A 538 17.70 -24.99 18.33
SE MSE A 538 18.22 -26.09 16.84
CE MSE A 538 18.64 -27.71 17.79
N PRO A 539 18.95 -21.43 19.49
CA PRO A 539 18.54 -20.11 19.02
C PRO A 539 17.73 -20.15 17.72
N ILE A 540 16.99 -19.07 17.47
CA ILE A 540 16.18 -18.97 16.26
C ILE A 540 17.04 -18.84 15.00
N SER A 541 18.31 -18.49 15.18
CA SER A 541 19.23 -18.34 14.06
C SER A 541 19.66 -19.71 13.54
N ALA A 542 19.67 -20.71 14.43
CA ALA A 542 20.06 -22.06 14.07
C ALA A 542 18.93 -22.78 13.35
N LEU A 543 17.72 -22.23 13.45
CA LEU A 543 16.57 -22.82 12.79
C LEU A 543 16.63 -22.55 11.30
N SER A 544 16.21 -23.54 10.52
CA SER A 544 16.20 -23.45 9.07
C SER A 544 14.94 -22.70 8.62
N GLY A 545 14.80 -22.51 7.33
CA GLY A 545 13.63 -21.82 6.82
C GLY A 545 12.35 -22.59 7.11
N GLY A 546 12.48 -23.88 7.39
CA GLY A 546 11.32 -24.71 7.68
C GLY A 546 10.83 -24.65 9.11
N TRP A 547 11.76 -24.80 10.06
CA TRP A 547 11.42 -24.76 11.47
C TRP A 547 10.91 -23.40 11.91
N LYS A 548 11.29 -22.36 11.16
CA LYS A 548 10.83 -21.00 11.47
C LYS A 548 9.38 -20.90 11.02
N MSE A 549 9.07 -21.59 9.93
CA MSE A 549 7.72 -21.59 9.38
C MSE A 549 6.80 -22.39 10.30
O MSE A 549 5.62 -22.05 10.45
CB MSE A 549 7.72 -22.19 7.97
CG MSE A 549 6.40 -22.02 7.23
SE MSE A 549 5.90 -20.16 7.01
CE MSE A 549 7.06 -19.68 5.56
N LYS A 550 7.32 -23.47 10.88
CA LYS A 550 6.53 -24.31 11.79
C LYS A 550 6.29 -23.58 13.11
N LEU A 551 7.25 -22.72 13.46
CA LEU A 551 7.17 -21.94 14.70
C LEU A 551 6.06 -20.90 14.63
N ALA A 552 6.05 -20.13 13.55
CA ALA A 552 5.05 -19.08 13.34
C ALA A 552 3.66 -19.69 13.16
N LEU A 553 3.61 -20.94 12.69
CA LEU A 553 2.34 -21.64 12.51
C LEU A 553 1.86 -22.14 13.86
N ALA A 554 2.80 -22.38 14.77
CA ALA A 554 2.51 -22.85 16.12
C ALA A 554 2.10 -21.67 16.99
N ARG A 555 2.69 -20.51 16.72
CA ARG A 555 2.39 -19.29 17.48
C ARG A 555 0.96 -18.82 17.21
N ALA A 556 0.49 -19.06 15.99
CA ALA A 556 -0.87 -18.69 15.59
C ALA A 556 -1.87 -19.57 16.34
N VAL A 557 -1.46 -20.81 16.61
CA VAL A 557 -2.27 -21.78 17.32
C VAL A 557 -2.38 -21.41 18.80
N LEU A 558 -1.27 -20.90 19.36
CA LEU A 558 -1.23 -20.49 20.75
C LEU A 558 -1.96 -19.19 21.03
N ARG A 559 -1.95 -18.28 20.06
CA ARG A 559 -2.61 -16.98 20.20
C ARG A 559 -4.13 -17.04 20.10
N ASN A 560 -4.66 -18.24 19.84
CA ASN A 560 -6.10 -18.45 19.72
C ASN A 560 -6.69 -17.60 18.60
N ALA A 561 -5.97 -17.46 17.51
CA ALA A 561 -6.43 -16.67 16.38
C ALA A 561 -7.60 -17.36 15.66
N ASP A 562 -8.68 -16.61 15.45
CA ASP A 562 -9.90 -17.14 14.80
C ASP A 562 -9.73 -17.39 13.30
N ILE A 563 -8.78 -16.68 12.71
CA ILE A 563 -8.49 -16.83 11.29
C ILE A 563 -6.98 -17.02 11.08
N LEU A 564 -6.54 -18.26 11.23
CA LEU A 564 -5.14 -18.62 11.07
C LEU A 564 -4.70 -18.31 9.65
N LEU A 565 -3.56 -17.62 9.51
CA LEU A 565 -3.04 -17.28 8.21
C LEU A 565 -1.82 -18.11 7.90
N LEU A 566 -1.80 -18.73 6.72
CA LEU A 566 -0.68 -19.57 6.34
C LEU A 566 -0.02 -19.15 5.03
N ASP A 567 1.13 -18.49 5.14
CA ASP A 567 1.86 -18.05 3.96
C ASP A 567 2.91 -19.12 3.66
N GLU A 568 2.61 -19.96 2.66
CA GLU A 568 3.49 -21.06 2.23
C GLU A 568 3.92 -21.90 3.43
N PRO A 569 3.02 -22.77 3.91
CA PRO A 569 3.26 -23.64 5.07
C PRO A 569 4.20 -24.83 4.90
N THR A 570 4.28 -25.40 3.71
CA THR A 570 5.14 -26.57 3.47
C THR A 570 6.63 -26.28 3.23
N ASN A 571 7.07 -25.07 3.56
CA ASN A 571 8.46 -24.68 3.38
C ASN A 571 9.42 -25.52 4.23
N HIS A 572 10.12 -26.45 3.59
CA HIS A 572 11.06 -27.35 4.26
C HIS A 572 10.40 -28.28 5.27
N LEU A 573 9.37 -29.01 4.85
CA LEU A 573 8.68 -29.94 5.73
C LEU A 573 8.67 -31.33 5.13
N ASP A 574 9.07 -32.32 5.92
CA ASP A 574 9.08 -33.70 5.43
C ASP A 574 7.68 -34.33 5.41
N THR A 575 7.57 -35.53 4.86
CA THR A 575 6.28 -36.22 4.77
C THR A 575 5.68 -36.76 6.06
N VAL A 576 6.20 -36.30 7.20
CA VAL A 576 5.72 -36.73 8.50
C VAL A 576 4.91 -35.62 9.15
N ASN A 577 5.52 -34.43 9.22
CA ASN A 577 4.89 -33.26 9.82
C ASN A 577 3.93 -32.56 8.86
N VAL A 578 4.03 -32.87 7.56
CA VAL A 578 3.15 -32.27 6.57
C VAL A 578 1.76 -32.90 6.75
N ALA A 579 1.75 -34.20 6.98
CA ALA A 579 0.50 -34.93 7.19
C ALA A 579 -0.13 -34.49 8.51
N TRP A 580 0.70 -33.98 9.41
CA TRP A 580 0.24 -33.50 10.72
C TRP A 580 -0.27 -32.07 10.60
N LEU A 581 0.39 -31.29 9.75
CA LEU A 581 -0.01 -29.90 9.54
C LEU A 581 -1.42 -29.88 8.95
N VAL A 582 -1.79 -30.99 8.32
CA VAL A 582 -3.11 -31.16 7.72
C VAL A 582 -4.03 -31.79 8.76
N ASN A 583 -3.57 -32.90 9.35
CA ASN A 583 -4.32 -33.62 10.37
C ASN A 583 -4.80 -32.71 11.49
N TYR A 584 -4.00 -31.68 11.78
CA TYR A 584 -4.35 -30.72 12.83
C TYR A 584 -5.41 -29.72 12.38
N LEU A 585 -5.23 -29.16 11.18
CA LEU A 585 -6.18 -28.20 10.63
C LEU A 585 -7.55 -28.84 10.39
N ASN A 586 -7.55 -30.16 10.22
CA ASN A 586 -8.77 -30.92 9.98
C ASN A 586 -9.65 -31.11 11.22
N THR A 587 -9.06 -30.98 12.41
CA THR A 587 -9.83 -31.16 13.64
C THR A 587 -9.83 -29.96 14.60
N CYS A 588 -9.04 -28.95 14.29
CA CYS A 588 -8.94 -27.75 15.14
C CYS A 588 -10.27 -27.01 15.24
N GLY A 589 -11.00 -26.95 14.12
CA GLY A 589 -12.29 -26.26 14.10
C GLY A 589 -12.16 -24.76 14.06
N ILE A 590 -11.06 -24.28 13.47
CA ILE A 590 -10.80 -22.84 13.34
C ILE A 590 -10.63 -22.47 11.86
N THR A 591 -11.02 -21.26 11.52
CA THR A 591 -10.92 -20.76 10.15
C THR A 591 -9.46 -20.55 9.74
N SER A 592 -9.18 -20.63 8.45
CA SER A 592 -7.82 -20.44 7.94
C SER A 592 -7.75 -20.16 6.45
N ILE A 593 -6.74 -19.40 6.05
CA ILE A 593 -6.50 -19.05 4.65
C ILE A 593 -5.09 -19.51 4.33
N THR A 594 -4.95 -20.41 3.35
CA THR A 594 -3.64 -20.94 3.01
C THR A 594 -3.16 -20.76 1.56
N ILE A 595 -2.10 -20.00 1.40
CA ILE A 595 -1.49 -19.77 0.10
C ILE A 595 -0.48 -20.91 0.01
N SER A 596 -0.45 -21.63 -1.10
CA SER A 596 0.47 -22.75 -1.24
C SER A 596 0.87 -23.07 -2.67
N HIS A 597 2.10 -23.56 -2.83
CA HIS A 597 2.63 -23.92 -4.14
C HIS A 597 2.31 -25.38 -4.45
N ASP A 598 2.44 -26.24 -3.43
CA ASP A 598 2.16 -27.66 -3.56
C ASP A 598 0.64 -27.83 -3.64
N SER A 599 0.15 -28.19 -4.83
CA SER A 599 -1.28 -28.39 -5.03
C SER A 599 -1.82 -29.56 -4.22
N VAL A 600 -0.94 -30.48 -3.84
CA VAL A 600 -1.31 -31.64 -3.06
C VAL A 600 -1.71 -31.25 -1.63
N PHE A 601 -1.17 -30.14 -1.14
CA PHE A 601 -1.49 -29.66 0.20
C PHE A 601 -2.89 -29.08 0.21
N LEU A 602 -3.24 -28.38 -0.88
CA LEU A 602 -4.55 -27.76 -1.01
C LEU A 602 -5.64 -28.82 -1.22
N ASP A 603 -5.22 -30.00 -1.67
CA ASP A 603 -6.13 -31.12 -1.92
C ASP A 603 -6.62 -31.75 -0.61
N ASN A 604 -5.71 -31.90 0.34
CA ASN A 604 -6.03 -32.48 1.64
C ASN A 604 -6.56 -31.48 2.66
N VAL A 605 -6.41 -30.20 2.39
CA VAL A 605 -6.86 -29.16 3.32
C VAL A 605 -7.96 -28.25 2.76
N CYS A 606 -7.53 -27.12 2.18
CA CYS A 606 -8.40 -26.10 1.60
C CYS A 606 -9.72 -26.55 0.98
N GLU A 607 -10.83 -26.08 1.56
CA GLU A 607 -12.16 -26.41 1.05
C GLU A 607 -12.73 -25.32 0.15
N TYR A 608 -12.11 -24.13 0.17
CA TYR A 608 -12.57 -23.00 -0.65
C TYR A 608 -11.42 -22.14 -1.19
N ILE A 609 -11.22 -22.18 -2.50
CA ILE A 609 -10.16 -21.43 -3.16
C ILE A 609 -10.57 -20.02 -3.60
N ILE A 610 -9.71 -19.05 -3.33
CA ILE A 610 -9.96 -17.65 -3.70
C ILE A 610 -8.86 -17.26 -4.68
N ASN A 611 -9.16 -17.32 -5.98
CA ASN A 611 -8.20 -17.01 -7.03
C ASN A 611 -7.86 -15.52 -7.17
N TYR A 612 -7.41 -15.12 -8.35
CA TYR A 612 -7.03 -13.74 -8.62
C TYR A 612 -7.12 -13.37 -10.11
N GLU A 613 -8.30 -13.56 -10.70
CA GLU A 613 -8.47 -13.23 -12.12
C GLU A 613 -8.37 -11.73 -12.38
N GLY A 614 -7.25 -11.31 -12.97
CA GLY A 614 -7.04 -9.91 -13.27
C GLY A 614 -6.94 -9.00 -12.06
N LEU A 615 -8.08 -8.45 -11.65
CA LEU A 615 -8.14 -7.54 -10.51
C LEU A 615 -9.30 -7.86 -9.56
N LYS A 616 -9.84 -9.08 -9.67
CA LYS A 616 -10.95 -9.50 -8.83
C LYS A 616 -10.55 -10.59 -7.83
N LEU A 617 -11.55 -11.25 -7.26
CA LEU A 617 -11.34 -12.31 -6.28
C LEU A 617 -12.46 -13.35 -6.35
N ARG A 618 -12.79 -13.79 -7.56
CA ARG A 618 -13.83 -14.79 -7.79
C ARG A 618 -13.56 -16.04 -6.94
N LYS A 619 -14.39 -16.27 -5.92
CA LYS A 619 -14.21 -17.42 -5.04
C LYS A 619 -14.87 -18.69 -5.59
N TYR A 620 -14.18 -19.83 -5.40
CA TYR A 620 -14.68 -21.11 -5.86
C TYR A 620 -14.89 -22.11 -4.73
N LYS A 621 -19.27 -22.28 -6.29
CA LYS A 621 -19.50 -23.21 -5.19
C LYS A 621 -18.47 -24.34 -5.18
N GLY A 622 -18.38 -25.06 -4.07
CA GLY A 622 -17.44 -26.16 -3.96
C GLY A 622 -15.98 -25.77 -3.88
N ASN A 623 -15.11 -26.77 -3.75
CA ASN A 623 -13.68 -26.55 -3.67
C ASN A 623 -13.06 -26.14 -5.02
N PHE A 624 -11.74 -26.17 -5.09
CA PHE A 624 -11.03 -25.77 -6.31
C PHE A 624 -11.16 -26.68 -7.55
N THR A 625 -11.15 -28.00 -7.34
CA THR A 625 -11.27 -28.92 -8.48
C THR A 625 -12.67 -28.88 -9.09
N GLU A 626 -13.66 -28.57 -8.27
CA GLU A 626 -15.05 -28.46 -8.72
C GLU A 626 -15.20 -27.13 -9.45
N PHE A 627 -14.41 -26.15 -9.01
CA PHE A 627 -14.39 -24.81 -9.59
C PHE A 627 -13.83 -24.89 -11.01
N VAL A 628 -12.93 -25.84 -11.21
CA VAL A 628 -12.30 -26.06 -12.51
C VAL A 628 -13.27 -26.69 -13.51
N LYS A 629 -14.22 -27.48 -13.01
CA LYS A 629 -15.21 -28.15 -13.85
C LYS A 629 -16.13 -27.12 -14.52
N LYS A 630 -16.65 -26.20 -13.72
CA LYS A 630 -17.55 -25.16 -14.23
C LYS A 630 -16.77 -24.15 -15.07
N CYS A 631 -15.64 -23.70 -14.55
CA CYS A 631 -14.79 -22.75 -15.24
C CYS A 631 -13.52 -23.45 -15.72
N PRO A 632 -13.55 -24.00 -16.96
CA PRO A 632 -12.40 -24.70 -17.53
C PRO A 632 -11.21 -23.80 -17.80
N ALA A 633 -11.45 -22.49 -17.86
CA ALA A 633 -10.40 -21.52 -18.11
C ALA A 633 -9.59 -21.24 -16.85
N ALA A 634 -10.05 -21.78 -15.72
CA ALA A 634 -9.38 -21.60 -14.44
C ALA A 634 -8.16 -22.51 -14.31
N LYS A 635 -7.92 -23.30 -15.36
CA LYS A 635 -6.77 -24.21 -15.43
C LYS A 635 -6.10 -24.15 -16.80
N ALA A 636 -6.43 -23.13 -17.59
CA ALA A 636 -5.86 -22.97 -18.93
C ALA A 636 -5.90 -21.49 -19.29
N TYR A 637 -5.06 -20.71 -18.62
CA TYR A 637 -5.00 -19.28 -18.84
C TYR A 637 -4.01 -18.79 -19.88
N GLU A 638 -2.74 -19.11 -19.68
CA GLU A 638 -1.69 -18.67 -20.60
C GLU A 638 -0.87 -19.83 -21.18
N GLU A 639 -1.56 -20.92 -21.53
CA GLU A 639 -0.92 -22.11 -22.12
C GLU A 639 -1.80 -22.43 -23.34
N LEU A 640 -2.39 -21.38 -23.89
CA LEU A 640 -3.29 -21.44 -25.03
C LEU A 640 -2.67 -21.90 -26.35
N SER A 641 -1.36 -22.05 -26.38
CA SER A 641 -0.66 -22.46 -27.60
C SER A 641 0.66 -23.17 -27.35
N ASN A 642 0.28 -16.51 -27.04
CA ASN A 642 1.20 -17.05 -26.04
C ASN A 642 2.65 -17.04 -26.54
N THR A 643 2.82 -16.93 -27.85
CA THR A 643 4.16 -16.90 -28.45
C THR A 643 4.97 -15.72 -27.93
N ASP A 644 4.29 -14.62 -27.60
CA ASP A 644 4.93 -13.42 -27.08
C ASP A 644 5.13 -13.47 -25.57
N LEU A 645 5.38 -14.67 -25.04
CA LEU A 645 5.60 -14.88 -23.60
C LEU A 645 6.72 -15.88 -23.34
N GLU A 646 6.84 -16.88 -24.23
CA GLU A 646 7.86 -17.92 -24.05
C GLU A 646 9.28 -17.39 -23.85
N PHE A 647 10.01 -18.04 -22.97
CA PHE A 647 11.38 -17.66 -22.68
C PHE A 647 12.26 -18.79 -22.18
N LYS A 648 13.56 -18.62 -22.41
CA LYS A 648 14.56 -19.58 -21.99
C LYS A 648 15.81 -18.79 -21.60
N PHE A 649 16.24 -18.99 -20.36
CA PHE A 649 17.40 -18.30 -19.81
C PHE A 649 18.61 -18.25 -20.73
N PRO A 650 19.47 -17.24 -20.53
CA PRO A 650 20.68 -17.05 -21.33
C PRO A 650 21.72 -18.13 -21.04
N GLU A 651 22.55 -18.40 -22.04
CA GLU A 651 23.63 -19.39 -21.94
C GLU A 651 24.68 -18.92 -20.94
N PRO A 652 25.26 -19.85 -20.16
CA PRO A 652 26.28 -19.56 -19.15
C PRO A 652 27.63 -19.03 -19.68
N GLY A 653 28.42 -18.46 -18.78
CA GLY A 653 29.73 -17.91 -19.14
C GLY A 653 30.79 -18.97 -19.38
N TYR A 654 31.91 -18.57 -19.98
CA TYR A 654 33.03 -19.47 -20.29
C TYR A 654 33.81 -19.83 -19.02
N LEU A 655 34.26 -21.06 -18.94
CA LEU A 655 35.02 -21.54 -17.78
C LEU A 655 36.11 -22.49 -18.26
N GLU A 656 37.37 -22.20 -17.90
CA GLU A 656 38.48 -23.06 -18.31
C GLU A 656 38.48 -24.37 -17.52
N GLY A 657 38.83 -25.45 -18.22
CA GLY A 657 38.90 -26.75 -17.59
C GLY A 657 37.64 -27.60 -17.65
N VAL A 658 36.47 -26.97 -17.54
CA VAL A 658 35.20 -27.70 -17.59
C VAL A 658 34.88 -28.21 -18.99
N LYS A 659 35.57 -29.26 -19.40
CA LYS A 659 35.37 -29.86 -20.71
C LYS A 659 34.04 -30.60 -20.78
N THR A 660 33.53 -31.01 -19.63
CA THR A 660 32.27 -31.73 -19.55
C THR A 660 31.33 -31.03 -18.55
N LYS A 661 30.03 -31.17 -18.77
CA LYS A 661 29.03 -30.57 -17.90
C LYS A 661 29.01 -31.22 -16.51
N GLN A 662 26.86 -27.22 -19.49
CA GLN A 662 27.19 -27.97 -18.28
C GLN A 662 28.39 -27.41 -17.53
N LYS A 663 28.86 -26.23 -17.92
CA LYS A 663 30.01 -25.61 -17.25
C LYS A 663 29.56 -24.84 -16.01
N ALA A 664 32.77 -29.82 -15.42
CA ALA A 664 32.48 -29.35 -14.06
C ALA A 664 33.09 -28.00 -13.74
N ILE A 665 32.25 -26.99 -13.58
CA ILE A 665 32.70 -25.64 -13.26
C ILE A 665 32.80 -25.39 -11.75
N VAL A 666 32.39 -26.36 -10.94
CA VAL A 666 32.44 -26.26 -9.48
C VAL A 666 32.59 -27.67 -8.90
N LYS A 667 33.74 -27.94 -8.29
CA LYS A 667 33.99 -29.27 -7.71
C LYS A 667 34.58 -29.20 -6.30
N VAL A 668 33.72 -29.24 -5.30
CA VAL A 668 34.15 -29.20 -3.90
C VAL A 668 34.36 -30.62 -3.35
N THR A 669 35.27 -30.77 -2.40
CA THR A 669 35.56 -32.06 -1.78
C THR A 669 36.07 -31.95 -0.34
N ASN A 670 35.70 -32.93 0.49
CA ASN A 670 36.11 -32.98 1.90
C ASN A 670 35.71 -31.70 2.66
N MSE A 671 34.54 -31.17 2.34
CA MSE A 671 34.04 -29.94 2.95
C MSE A 671 33.37 -30.14 4.32
O MSE A 671 32.32 -30.78 4.41
CB MSE A 671 33.09 -29.25 1.96
CG MSE A 671 32.63 -27.86 2.37
SE MSE A 671 31.05 -27.90 3.47
CE MSE A 671 31.60 -26.62 4.79
N GLU A 672 33.97 -29.56 5.36
CA GLU A 672 33.48 -29.66 6.73
C GLU A 672 33.24 -28.26 7.31
N PHE A 673 32.26 -28.14 8.21
CA PHE A 673 31.94 -26.87 8.85
C PHE A 673 31.43 -27.09 10.28
N GLN A 674 31.95 -26.30 11.22
CA GLN A 674 31.55 -26.42 12.62
C GLN A 674 31.30 -25.04 13.22
N TYR A 675 30.03 -24.75 13.53
CA TYR A 675 29.65 -23.46 14.11
C TYR A 675 30.31 -23.28 15.48
N PRO A 676 31.24 -22.32 15.59
CA PRO A 676 31.97 -22.03 16.83
C PRO A 676 31.08 -21.92 18.08
N GLY A 677 31.06 -22.98 18.88
CA GLY A 677 30.26 -22.98 20.09
C GLY A 677 29.38 -24.21 20.28
N THR A 678 29.42 -25.13 19.33
CA THR A 678 28.63 -26.36 19.39
C THR A 678 29.44 -27.54 19.93
N SER A 679 29.08 -28.75 19.52
CA SER A 679 29.78 -29.95 19.95
C SER A 679 29.97 -30.94 18.78
N LYS A 680 29.26 -30.70 17.69
CA LYS A 680 29.34 -31.53 16.49
C LYS A 680 28.98 -30.72 15.25
N PRO A 681 29.83 -30.80 14.21
CA PRO A 681 29.61 -30.07 12.94
C PRO A 681 28.29 -30.40 12.25
N GLN A 682 27.76 -29.43 11.52
CA GLN A 682 26.51 -29.60 10.80
C GLN A 682 26.64 -30.65 9.69
N ILE A 683 27.46 -30.36 8.69
CA ILE A 683 27.68 -31.27 7.57
C ILE A 683 29.08 -31.89 7.58
N THR A 684 29.28 -32.92 6.77
CA THR A 684 30.57 -33.62 6.68
C THR A 684 30.60 -34.58 5.48
N ASP A 685 31.79 -34.77 4.92
CA ASP A 685 32.00 -35.65 3.76
C ASP A 685 31.06 -35.27 2.62
N ILE A 686 31.15 -34.02 2.17
CA ILE A 686 30.28 -33.52 1.11
C ILE A 686 30.95 -33.46 -0.27
N ASN A 687 30.68 -34.46 -1.10
CA ASN A 687 31.23 -34.53 -2.45
C ASN A 687 30.17 -34.11 -3.47
N PHE A 688 30.37 -32.96 -4.12
CA PHE A 688 29.41 -32.47 -5.12
C PHE A 688 30.07 -31.64 -6.22
N GLN A 689 29.55 -31.78 -7.44
CA GLN A 689 30.06 -31.04 -8.60
C GLN A 689 28.94 -30.25 -9.27
N CYS A 690 29.32 -29.36 -10.19
CA CYS A 690 28.36 -28.53 -10.93
C CYS A 690 28.93 -28.08 -12.25
N SER A 691 28.19 -28.31 -13.34
CA SER A 691 28.63 -27.95 -14.69
C SER A 691 27.74 -26.84 -15.28
N LEU A 692 27.63 -26.81 -16.61
CA LEU A 692 26.78 -25.82 -17.28
C LEU A 692 25.52 -26.52 -17.77
N SER A 693 25.18 -27.61 -17.08
CA SER A 693 24.02 -28.41 -17.41
C SER A 693 23.33 -28.98 -16.17
N SER A 694 23.72 -28.49 -15.00
CA SER A 694 23.18 -28.94 -13.72
C SER A 694 21.65 -29.00 -13.63
N ARG A 695 21.16 -30.16 -13.21
CA ARG A 695 19.73 -30.41 -13.04
C ARG A 695 19.57 -31.03 -11.65
N ILE A 696 20.33 -30.52 -10.70
CA ILE A 696 20.32 -31.01 -9.32
C ILE A 696 19.15 -30.47 -8.50
N ALA A 697 18.66 -31.26 -7.55
CA ALA A 697 17.54 -30.85 -6.71
C ALA A 697 17.75 -31.28 -5.25
N VAL A 698 17.81 -30.31 -4.35
CA VAL A 698 18.00 -30.59 -2.93
C VAL A 698 16.67 -31.01 -2.30
N ILE A 699 16.20 -32.20 -2.63
CA ILE A 699 14.94 -32.71 -2.11
C ILE A 699 15.14 -33.45 -0.78
N GLY A 700 14.89 -32.76 0.34
CA GLY A 700 15.05 -33.40 1.63
C GLY A 700 14.56 -32.60 2.83
N PRO A 701 14.80 -33.10 4.05
CA PRO A 701 14.39 -32.43 5.28
C PRO A 701 15.27 -31.25 5.66
N ASN A 702 14.64 -30.11 5.92
CA ASN A 702 15.36 -28.90 6.30
C ASN A 702 16.05 -29.00 7.66
N GLY A 703 16.61 -27.89 8.11
CA GLY A 703 17.31 -27.89 9.38
C GLY A 703 18.82 -27.91 9.22
N ALA A 704 19.51 -28.04 10.35
CA ALA A 704 20.97 -28.06 10.41
C ALA A 704 21.68 -28.94 9.38
N GLY A 705 21.02 -30.00 8.93
CA GLY A 705 21.63 -30.88 7.96
C GLY A 705 21.49 -30.41 6.53
N LYS A 706 20.36 -29.77 6.21
CA LYS A 706 20.09 -29.28 4.86
C LYS A 706 20.45 -27.81 4.63
N SER A 707 20.16 -26.97 5.62
CA SER A 707 20.43 -25.53 5.52
C SER A 707 21.92 -25.17 5.38
N THR A 708 22.76 -25.73 6.23
CA THR A 708 24.19 -25.44 6.18
C THR A 708 24.81 -25.96 4.87
N LEU A 709 24.23 -27.03 4.32
CA LEU A 709 24.71 -27.60 3.07
C LEU A 709 24.58 -26.58 1.93
N ILE A 710 23.44 -25.90 1.92
CA ILE A 710 23.14 -24.88 0.92
C ILE A 710 23.93 -23.61 1.18
N ASN A 711 24.04 -23.23 2.46
CA ASN A 711 24.77 -22.02 2.85
C ASN A 711 26.23 -22.10 2.43
N VAL A 712 26.70 -23.31 2.19
CA VAL A 712 28.08 -23.50 1.75
C VAL A 712 28.10 -23.57 0.22
N LEU A 713 26.96 -23.93 -0.38
CA LEU A 713 26.82 -24.01 -1.83
C LEU A 713 27.08 -22.62 -2.40
N THR A 714 26.25 -21.66 -2.01
CA THR A 714 26.42 -20.27 -2.42
C THR A 714 27.65 -19.79 -1.66
N GLY A 715 27.72 -20.12 -0.37
CA GLY A 715 28.88 -19.78 0.44
C GLY A 715 28.91 -18.69 1.49
N GLU A 716 27.76 -18.31 2.07
CA GLU A 716 27.80 -17.27 3.09
C GLU A 716 28.66 -17.71 4.27
N LEU A 717 28.48 -18.97 4.66
CA LEU A 717 29.22 -19.58 5.76
C LEU A 717 30.53 -20.19 5.28
N LEU A 718 31.59 -19.40 5.33
CA LEU A 718 32.92 -19.84 4.91
C LEU A 718 33.31 -21.18 5.54
N PRO A 719 33.51 -22.21 4.70
CA PRO A 719 33.89 -23.54 5.20
C PRO A 719 35.18 -23.49 5.99
N THR A 720 35.17 -24.10 7.16
CA THR A 720 36.34 -24.13 8.04
C THR A 720 37.51 -24.89 7.40
N SER A 721 37.21 -26.04 6.81
CA SER A 721 38.23 -26.86 6.18
C SER A 721 37.76 -27.49 4.86
N GLY A 722 38.68 -28.18 4.19
CA GLY A 722 38.35 -28.82 2.93
C GLY A 722 38.53 -27.91 1.73
N GLU A 723 39.18 -28.43 0.69
CA GLU A 723 39.44 -27.66 -0.53
C GLU A 723 38.16 -27.26 -1.27
N VAL A 724 38.16 -26.04 -1.81
CA VAL A 724 37.02 -25.54 -2.57
C VAL A 724 37.50 -25.26 -3.99
N TYR A 725 36.67 -25.52 -4.99
CA TYR A 725 37.05 -25.32 -6.39
C TYR A 725 35.94 -24.64 -7.19
N THR A 726 36.24 -23.50 -7.79
CA THR A 726 35.24 -22.79 -8.57
C THR A 726 35.89 -22.36 -9.87
N HIS A 727 35.40 -22.89 -10.99
CA HIS A 727 35.94 -22.53 -12.31
C HIS A 727 35.93 -21.00 -12.48
N GLU A 728 36.85 -20.49 -13.29
CA GLU A 728 36.98 -19.04 -13.53
C GLU A 728 35.74 -18.39 -14.15
N ASN A 729 35.59 -17.09 -13.90
CA ASN A 729 34.47 -16.30 -14.41
C ASN A 729 33.11 -16.98 -14.25
N CYS A 730 32.96 -17.67 -13.11
CA CYS A 730 31.74 -18.40 -12.76
C CYS A 730 30.89 -17.66 -11.74
N ARG A 731 29.86 -16.99 -12.21
CA ARG A 731 28.98 -16.24 -11.32
C ARG A 731 27.79 -17.08 -10.85
N ILE A 732 27.64 -17.23 -9.54
CA ILE A 732 26.51 -18.00 -9.00
C ILE A 732 25.32 -17.05 -8.87
N ALA A 733 24.50 -17.03 -9.91
CA ALA A 733 23.33 -16.15 -9.96
C ALA A 733 22.33 -16.36 -8.82
N TYR A 734 22.21 -15.32 -7.98
CA TYR A 734 21.27 -15.31 -6.86
C TYR A 734 19.97 -14.72 -7.37
N ILE A 735 21.78 -20.59 -3.88
CA ILE A 735 20.89 -19.62 -3.24
C ILE A 735 20.23 -20.16 -1.97
N LYS A 736 20.40 -19.46 -0.85
CA LYS A 736 19.81 -19.81 0.46
C LYS A 736 18.61 -18.91 0.77
N GLN A 737 18.17 -18.91 2.02
CA GLN A 737 17.05 -18.08 2.49
C GLN A 737 17.60 -16.79 3.11
N HIS A 738 18.84 -16.48 2.76
CA HIS A 738 19.54 -15.30 3.25
C HIS A 738 18.86 -14.01 2.85
N ALA A 739 19.05 -13.63 1.60
CA ALA A 739 18.48 -12.41 1.05
C ALA A 739 16.95 -12.46 0.94
N PHE A 740 16.39 -13.65 1.13
CA PHE A 740 14.95 -13.83 1.08
C PHE A 740 14.34 -13.31 2.38
N ALA A 741 15.18 -13.27 3.39
CA ALA A 741 14.78 -12.80 4.71
C ALA A 741 15.48 -11.47 4.99
N HIS A 742 16.28 -11.01 4.01
CA HIS A 742 17.02 -9.76 4.13
C HIS A 742 16.45 -8.66 3.23
N ILE A 743 15.49 -9.02 2.39
CA ILE A 743 14.83 -8.07 1.50
C ILE A 743 13.98 -7.14 2.36
N GLU A 744 13.74 -7.56 3.60
CA GLU A 744 12.95 -6.80 4.57
C GLU A 744 13.59 -5.44 4.84
N SER A 745 14.93 -5.41 4.81
CA SER A 745 15.67 -4.17 5.04
C SER A 745 15.77 -3.38 3.74
N HIS A 746 14.82 -3.59 2.84
CA HIS A 746 14.79 -2.93 1.54
C HIS A 746 13.35 -2.71 1.06
N LEU A 747 12.46 -2.41 2.00
CA LEU A 747 11.06 -2.18 1.68
C LEU A 747 10.79 -0.76 1.18
N ASP A 748 11.68 0.16 1.52
CA ASP A 748 11.54 1.55 1.07
C ASP A 748 11.94 1.71 -0.40
N LYS A 749 12.59 0.69 -0.95
CA LYS A 749 13.02 0.69 -2.34
C LYS A 749 11.98 0.04 -3.26
N THR A 750 12.11 0.28 -4.56
CA THR A 750 11.22 -0.29 -5.55
C THR A 750 11.88 -1.50 -6.22
N PRO A 751 11.09 -2.33 -6.93
CA PRO A 751 11.64 -3.50 -7.60
C PRO A 751 12.78 -3.18 -8.56
N SER A 752 12.83 -1.94 -9.03
CA SER A 752 13.88 -1.50 -9.94
C SER A 752 15.14 -1.12 -9.17
N GLU A 753 14.98 -0.24 -8.18
CA GLU A 753 16.11 0.20 -7.35
C GLU A 753 16.66 -0.91 -6.46
N TYR A 754 16.05 -2.10 -6.53
CA TYR A 754 16.51 -3.25 -5.75
C TYR A 754 17.62 -3.92 -6.55
N ILE A 755 17.43 -3.97 -7.87
CA ILE A 755 18.40 -4.56 -8.79
C ILE A 755 19.58 -3.59 -8.94
N GLN A 756 19.30 -2.30 -8.87
CA GLN A 756 20.35 -1.29 -8.98
C GLN A 756 21.15 -1.19 -7.68
N TRP A 757 20.57 -1.70 -6.60
CA TRP A 757 21.21 -1.68 -5.29
C TRP A 757 22.31 -2.76 -5.23
N ARG A 758 21.94 -3.97 -5.61
CA ARG A 758 22.87 -5.10 -5.60
C ARG A 758 23.97 -4.91 -6.64
N PHE A 759 23.58 -4.44 -7.83
CA PHE A 759 24.53 -4.23 -8.92
C PHE A 759 24.92 -2.76 -9.14
N GLN A 760 25.08 -1.98 -8.07
CA GLN A 760 25.46 -0.57 -8.26
C GLN A 760 26.88 -0.44 -8.82
N THR A 761 25.09 -5.58 -5.81
CA THR A 761 26.47 -5.55 -6.27
C THR A 761 26.67 -6.41 -7.52
N GLY A 762 28.30 -6.94 -4.88
CA GLY A 762 28.36 -6.61 -6.28
C GLY A 762 27.84 -7.70 -7.22
N GLU A 763 41.25 -15.69 -10.21
N ASP A 764 30.36 -9.92 -10.33
CA ASP A 764 29.24 -9.90 -9.37
C ASP A 764 29.83 -9.91 -7.95
N ARG A 765 29.41 -8.95 -7.13
CA ARG A 765 29.90 -8.84 -5.75
C ARG A 765 29.25 -9.79 -4.73
N GLU A 766 28.07 -10.31 -5.06
CA GLU A 766 27.36 -11.20 -4.14
C GLU A 766 27.89 -12.63 -4.09
N THR A 767 28.46 -13.10 -5.21
CA THR A 767 29.00 -14.46 -5.26
C THR A 767 30.48 -14.47 -5.65
N MSE A 768 31.27 -13.75 -4.86
CA MSE A 768 32.72 -13.64 -5.09
C MSE A 768 33.42 -13.15 -3.83
O MSE A 768 32.89 -12.31 -3.10
CB MSE A 768 33.00 -12.68 -6.25
CG MSE A 768 34.40 -12.75 -6.80
SE MSE A 768 34.74 -14.35 -7.81
CE MSE A 768 34.27 -13.70 -9.56
N ASP A 769 33.65 -14.41 -3.21
CA ASP A 769 33.60 -14.92 -1.83
C ASP A 769 33.36 -13.76 -0.87
N ARG A 770 32.68 -12.75 -1.40
CA ARG A 770 32.32 -11.52 -0.69
C ARG A 770 31.35 -11.79 0.45
N ALA A 771 30.47 -12.77 0.23
CA ALA A 771 29.45 -13.15 1.20
C ALA A 771 30.00 -13.73 2.51
N ASN A 772 31.22 -14.26 2.48
CA ASN A 772 31.83 -14.85 3.67
C ASN A 772 32.92 -13.95 4.27
N ARG A 773 34.05 -14.54 4.67
CA ARG A 773 35.13 -13.76 5.26
C ARG A 773 36.36 -13.63 4.35
N GLN A 774 36.96 -14.76 4.00
CA GLN A 774 38.13 -14.81 3.12
C GLN A 774 39.38 -14.16 3.76
N ILE A 775 39.28 -13.78 5.03
CA ILE A 775 40.40 -13.15 5.72
C ILE A 775 41.23 -14.13 6.55
N ASN A 776 41.56 -15.28 5.93
CA ASN A 776 42.35 -16.30 6.60
C ASN A 776 43.54 -16.74 5.75
N GLU A 777 44.65 -16.02 5.91
CA GLU A 777 45.88 -16.31 5.16
C GLU A 777 46.75 -17.36 5.85
N ASN A 778 46.82 -17.29 7.17
CA ASN A 778 47.62 -18.23 7.97
C ASN A 778 46.85 -19.50 8.35
N ASP A 779 46.46 -16.16 7.71
CA ASP A 779 45.66 -17.35 7.97
C ASP A 779 46.51 -18.62 8.01
N ALA A 780 45.50 -17.53 10.08
CA ALA A 780 46.20 -16.41 10.70
C ALA A 780 47.68 -16.72 10.92
N GLU A 781 48.09 -13.97 11.49
CA GLU A 781 49.47 -14.40 11.76
C GLU A 781 50.04 -15.12 10.53
N ALA A 782 49.18 -15.42 9.56
CA ALA A 782 49.61 -16.09 8.34
C ALA A 782 49.73 -15.11 7.18
N MSE A 783 49.24 -13.89 7.37
CA MSE A 783 49.31 -12.87 6.33
C MSE A 783 50.74 -12.48 6.01
O MSE A 783 51.03 -11.89 4.97
CB MSE A 783 48.52 -11.62 6.76
CG MSE A 783 47.03 -11.83 6.88
SE MSE A 783 46.06 -10.16 6.83
CE MSE A 783 45.91 -9.98 4.92
N ASN A 784 51.65 -12.80 6.93
CA ASN A 784 53.07 -12.51 6.76
C ASN A 784 53.77 -13.70 6.12
N LYS A 785 53.30 -14.09 4.93
CA LYS A 785 53.89 -15.21 4.21
C LYS A 785 55.20 -14.78 3.53
N ILE A 786 56.23 -15.59 3.73
CA ILE A 786 57.54 -15.30 3.15
C ILE A 786 57.67 -15.81 1.71
N PHE A 787 57.60 -14.90 0.75
CA PHE A 787 57.72 -15.22 -0.66
C PHE A 787 59.18 -15.13 -1.11
N LYS A 788 59.68 -16.20 -1.72
CA LYS A 788 61.06 -16.22 -2.19
C LYS A 788 61.17 -15.85 -3.67
N ILE A 789 61.66 -14.64 -3.94
CA ILE A 789 61.83 -14.15 -5.30
C ILE A 789 63.31 -13.91 -5.60
N GLU A 790 63.79 -14.54 -6.67
CA GLU A 790 65.19 -14.43 -7.11
C GLU A 790 66.25 -14.77 -6.04
N GLY A 791 65.83 -15.32 -4.91
CA GLY A 791 66.80 -15.69 -3.89
C GLY A 791 66.60 -15.20 -2.45
N THR A 792 65.98 -14.05 -2.27
CA THR A 792 65.78 -13.51 -0.92
C THR A 792 64.33 -13.48 -0.43
N PRO A 793 64.13 -13.44 0.91
CA PRO A 793 62.80 -13.41 1.54
C PRO A 793 62.11 -12.04 1.46
N ARG A 794 60.79 -12.06 1.37
CA ARG A 794 59.98 -10.83 1.29
C ARG A 794 58.55 -11.06 1.82
N ARG A 795 57.84 -9.96 2.00
CA ARG A 795 56.44 -9.98 2.48
C ARG A 795 55.66 -8.88 1.76
N ILE A 796 54.52 -9.25 1.18
CA ILE A 796 53.69 -8.29 0.44
C ILE A 796 53.13 -7.15 1.30
N ALA A 797 53.49 -5.93 0.93
CA ALA A 797 53.03 -4.75 1.65
C ALA A 797 51.71 -4.22 1.10
N GLY A 798 51.44 -4.51 -0.18
CA GLY A 798 50.21 -4.07 -0.80
C GLY A 798 50.20 -4.18 -2.31
N ILE A 799 49.15 -4.80 -2.86
CA ILE A 799 49.01 -5.00 -4.31
C ILE A 799 48.76 -3.68 -5.06
N HIS A 800 49.05 -3.68 -6.36
CA HIS A 800 48.87 -2.50 -7.20
C HIS A 800 47.85 -2.71 -8.34
N SER A 801 48.15 -3.60 -9.29
CA SER A 801 47.25 -3.86 -10.41
C SER A 801 47.27 -5.33 -10.90
N ARG A 802 46.97 -5.54 -12.18
CA ARG A 802 46.93 -6.89 -12.76
C ARG A 802 47.13 -6.87 -14.28
N ARG A 803 47.49 -8.04 -14.83
CA ARG A 803 47.68 -8.21 -16.27
C ARG A 803 47.53 -9.69 -16.64
N LYS A 804 47.45 -9.97 -17.94
CA LYS A 804 47.27 -11.33 -18.46
C LYS A 804 48.48 -12.25 -18.26
N PHE A 805 48.23 -13.53 -17.97
CA PHE A 805 49.27 -14.53 -17.76
C PHE A 805 48.74 -15.99 -17.87
N LYS A 806 49.31 -16.76 -18.80
CA LYS A 806 48.93 -18.16 -19.03
C LYS A 806 47.46 -18.55 -18.76
N ASN A 807 47.20 -19.16 -17.62
CA ASN A 807 45.86 -19.59 -17.25
C ASN A 807 45.29 -18.84 -16.05
N THR A 808 46.11 -18.01 -15.42
CA THR A 808 45.67 -17.25 -14.27
C THR A 808 46.04 -15.76 -14.39
N TYR A 809 46.44 -15.13 -13.28
CA TYR A 809 46.80 -13.70 -13.27
C TYR A 809 48.11 -13.45 -12.52
N GLU A 810 48.64 -12.24 -12.63
CA GLU A 810 49.87 -11.82 -11.93
C GLU A 810 49.67 -10.37 -11.49
N TYR A 811 49.95 -10.08 -10.23
CA TYR A 811 49.74 -8.75 -9.69
C TYR A 811 51.02 -8.03 -9.26
N GLU A 812 51.08 -6.72 -9.52
CA GLU A 812 52.22 -5.90 -9.13
C GLU A 812 52.02 -5.57 -7.66
N CYS A 813 52.86 -6.15 -6.80
CA CYS A 813 52.73 -5.92 -5.36
C CYS A 813 54.05 -5.49 -4.72
N SER A 814 53.99 -4.45 -3.89
CA SER A 814 55.19 -3.97 -3.19
C SER A 814 55.59 -5.00 -2.13
N PHE A 815 56.85 -4.95 -1.70
CA PHE A 815 57.34 -5.91 -0.72
C PHE A 815 57.99 -5.32 0.54
N LEU A 816 58.53 -6.23 1.35
CA LEU A 816 59.21 -5.89 2.60
C LEU A 816 60.41 -6.81 2.72
N LEU A 817 61.60 -6.29 2.42
CA LEU A 817 62.82 -7.08 2.51
C LEU A 817 63.14 -7.44 3.96
N GLY A 818 63.52 -8.70 4.18
CA GLY A 818 63.83 -9.15 5.52
C GLY A 818 65.31 -9.29 5.79
N GLU A 819 65.90 -8.27 6.41
CA GLU A 819 67.32 -8.27 6.74
C GLU A 819 67.56 -8.87 8.13
N ASN A 820 68.62 -9.68 8.24
CA ASN A 820 69.01 -10.33 9.51
C ASN A 820 67.89 -11.10 10.21
N ILE A 821 67.29 -12.05 9.49
CA ILE A 821 66.20 -12.86 10.04
C ILE A 821 66.70 -13.99 10.93
N GLY A 822 66.00 -14.23 12.04
CA GLY A 822 66.36 -15.27 12.97
C GLY A 822 67.17 -14.79 14.16
N MSE A 823 67.47 -13.49 14.19
CA MSE A 823 68.23 -12.88 15.26
C MSE A 823 67.33 -12.10 16.22
O MSE A 823 66.30 -12.62 16.66
CB MSE A 823 69.32 -11.97 14.67
CG MSE A 823 70.38 -12.70 13.85
SE MSE A 823 71.30 -14.11 14.83
CE MSE A 823 70.64 -15.65 13.86
N LYS A 824 67.71 -10.87 16.58
CA LYS A 824 66.92 -10.04 17.48
C LYS A 824 66.52 -8.71 16.87
N SER A 825 67.15 -8.37 15.75
CA SER A 825 66.88 -7.13 15.03
C SER A 825 66.03 -7.48 13.79
N GLU A 826 65.13 -8.43 13.96
CA GLU A 826 64.24 -8.90 12.91
C GLU A 826 63.28 -7.78 12.47
N ARG A 827 63.63 -7.10 11.39
CA ARG A 827 62.84 -6.01 10.85
C ARG A 827 62.68 -6.06 9.34
N TRP A 828 61.45 -5.80 8.89
CA TRP A 828 61.14 -5.82 7.46
C TRP A 828 61.04 -4.40 6.89
N VAL A 829 62.04 -4.01 6.14
CA VAL A 829 62.09 -2.68 5.53
C VAL A 829 61.45 -2.66 4.14
N PRO A 830 60.44 -1.79 3.95
CA PRO A 830 59.74 -1.67 2.67
C PRO A 830 60.66 -1.26 1.53
N MSE A 831 60.45 -1.86 0.36
CA MSE A 831 61.27 -1.58 -0.82
C MSE A 831 60.79 -0.36 -1.62
O MSE A 831 60.05 0.47 -1.10
CB MSE A 831 61.30 -2.83 -1.72
CG MSE A 831 61.84 -4.07 -1.02
SE MSE A 831 62.02 -5.59 -2.20
CE MSE A 831 63.90 -5.39 -2.62
N MSE A 832 61.29 -0.23 -2.84
CA MSE A 832 60.95 0.88 -3.73
C MSE A 832 59.90 0.51 -4.77
O MSE A 832 59.23 -0.51 -4.65
CB MSE A 832 62.22 1.39 -4.43
CG MSE A 832 63.26 2.00 -3.50
SE MSE A 832 62.68 3.66 -2.70
CE MSE A 832 62.14 3.01 -0.96
N SER A 833 59.76 1.36 -5.78
CA SER A 833 58.80 1.14 -6.86
C SER A 833 59.54 0.66 -8.11
N VAL A 834 60.70 0.03 -7.91
CA VAL A 834 61.51 -0.47 -9.02
C VAL A 834 61.76 -1.97 -8.90
N ASP A 835 61.85 -2.45 -7.66
CA ASP A 835 62.10 -3.87 -7.38
C ASP A 835 60.83 -4.72 -7.41
N ASN A 836 59.69 -4.12 -7.77
CA ASN A 836 58.41 -4.82 -7.82
C ASN A 836 58.41 -5.98 -8.81
N ALA A 837 57.76 -7.08 -8.44
CA ALA A 837 57.69 -8.27 -9.30
C ALA A 837 56.33 -8.95 -9.22
N TRP A 838 55.77 -9.24 -10.39
CA TRP A 838 54.46 -9.89 -10.51
C TRP A 838 54.44 -11.30 -9.91
N ILE A 839 53.29 -11.68 -9.33
CA ILE A 839 53.12 -12.99 -8.71
C ILE A 839 51.72 -13.53 -9.05
N PRO A 840 51.65 -14.81 -9.47
CA PRO A 840 50.40 -15.50 -9.83
C PRO A 840 49.31 -15.45 -8.76
N ARG A 841 48.07 -15.66 -9.20
CA ARG A 841 46.91 -15.67 -8.32
C ARG A 841 46.91 -16.88 -7.39
N GLY A 842 47.30 -18.03 -7.94
CA GLY A 842 47.36 -19.25 -7.15
C GLY A 842 48.48 -19.26 -6.13
N GLU A 843 44.36 -22.06 -5.92
CA GLU A 843 45.77 -21.68 -5.93
C GLU A 843 45.93 -20.27 -6.51
N LEU A 844 44.89 -19.45 -6.36
CA LEU A 844 44.90 -18.08 -6.87
C LEU A 844 44.14 -17.08 -5.99
N VAL A 845 43.53 -17.56 -4.90
CA VAL A 845 42.77 -16.70 -4.00
C VAL A 845 43.56 -16.24 -2.76
N GLU A 846 44.53 -17.05 -2.34
CA GLU A 846 45.35 -16.70 -1.18
C GLU A 846 46.33 -15.57 -1.46
N SER A 847 46.04 -14.75 -2.48
CA SER A 847 46.89 -13.62 -2.85
C SER A 847 46.32 -12.76 -3.97
N HIS A 848 45.22 -13.19 -4.58
CA HIS A 848 44.61 -12.43 -5.67
C HIS A 848 43.09 -12.43 -5.70
N SER A 849 42.47 -12.21 -4.55
CA SER A 849 41.01 -12.19 -4.44
C SER A 849 40.35 -11.09 -5.28
N LYS A 850 41.06 -9.98 -5.44
CA LYS A 850 40.54 -8.84 -6.21
C LYS A 850 40.70 -9.00 -7.71
N MSE A 851 41.83 -9.55 -8.14
CA MSE A 851 42.10 -9.73 -9.56
C MSE A 851 41.23 -10.81 -10.21
O MSE A 851 41.11 -10.86 -11.43
CB MSE A 851 43.58 -10.04 -9.81
CG MSE A 851 44.52 -8.95 -9.29
SE MSE A 851 46.30 -9.06 -10.01
CE MSE A 851 46.19 -7.59 -11.25
N VAL A 852 40.66 -11.69 -9.39
CA VAL A 852 39.79 -12.76 -9.88
C VAL A 852 38.40 -12.18 -10.14
N ALA A 853 37.88 -11.45 -9.16
CA ALA A 853 36.55 -10.85 -9.24
C ALA A 853 36.31 -9.93 -10.43
N GLU A 854 37.37 -9.30 -10.94
CA GLU A 854 37.23 -8.41 -12.09
C GLU A 854 37.07 -9.19 -13.40
N VAL A 855 37.37 -10.48 -13.35
CA VAL A 855 37.27 -11.35 -14.52
C VAL A 855 35.93 -12.11 -14.54
N ASP A 856 35.51 -12.60 -13.38
CA ASP A 856 34.26 -13.34 -13.25
C ASP A 856 33.08 -12.42 -13.60
N MSE A 857 33.29 -11.12 -13.36
CA MSE A 857 32.28 -10.11 -13.63
C MSE A 857 32.18 -9.80 -15.13
O MSE A 857 31.37 -8.96 -15.55
CB MSE A 857 32.61 -8.84 -12.84
CG MSE A 857 31.53 -7.77 -12.85
SE MSE A 857 29.90 -8.35 -12.00
CE MSE A 857 30.34 -7.87 -10.18
N LYS A 858 33.02 -10.44 -15.94
CA LYS A 858 33.03 -10.22 -17.38
C LYS A 858 32.26 -11.25 -18.20
N GLU A 859 32.58 -12.52 -18.03
CA GLU A 859 31.88 -13.58 -18.76
C GLU A 859 30.43 -13.68 -18.31
N ALA A 860 30.12 -13.08 -17.17
CA ALA A 860 28.76 -13.05 -16.63
C ALA A 860 27.94 -12.07 -17.45
N LEU A 861 28.62 -11.04 -17.97
CA LEU A 861 27.98 -10.03 -18.80
C LEU A 861 28.04 -10.47 -20.26
N ALA A 862 28.75 -11.58 -20.50
CA ALA A 862 28.90 -12.14 -21.83
C ALA A 862 27.74 -13.07 -22.19
N SER A 863 27.39 -13.96 -21.25
CA SER A 863 26.28 -14.89 -21.48
C SER A 863 24.94 -14.23 -21.17
N GLY A 864 27.08 -8.72 -14.20
CA GLY A 864 25.65 -8.47 -14.11
C GLY A 864 24.76 -9.68 -14.29
N GLN A 865 27.84 -6.42 -14.34
CA GLN A 865 27.08 -7.67 -14.44
C GLN A 865 26.47 -8.04 -13.10
N PHE A 866 28.20 -7.10 -20.87
CA PHE A 866 27.66 -6.17 -19.88
C PHE A 866 26.23 -5.70 -20.18
N ARG A 867 25.30 -6.11 -19.32
CA ARG A 867 23.90 -5.73 -19.45
C ARG A 867 23.74 -4.40 -18.71
N PRO A 868 23.34 -3.34 -19.42
CA PRO A 868 23.15 -2.01 -18.82
C PRO A 868 22.00 -1.93 -17.83
N LEU A 869 22.14 -1.04 -16.84
CA LEU A 869 21.11 -0.85 -15.83
C LEU A 869 20.14 0.26 -16.22
N THR A 870 19.38 0.04 -17.30
CA THR A 870 18.40 1.02 -17.75
C THR A 870 16.98 0.51 -17.53
N ARG A 871 16.06 1.45 -17.31
CA ARG A 871 14.66 1.13 -17.05
C ARG A 871 13.96 0.17 -18.01
N LYS A 872 14.13 0.39 -19.31
CA LYS A 872 13.48 -0.46 -20.31
C LYS A 872 13.93 -1.92 -20.24
N GLU A 873 15.24 -2.14 -20.22
CA GLU A 873 15.77 -3.50 -20.16
C GLU A 873 15.48 -4.19 -18.82
N ILE A 874 15.13 -3.40 -17.81
CA ILE A 874 14.78 -3.92 -16.50
C ILE A 874 13.30 -4.33 -16.52
N GLU A 875 12.52 -3.66 -17.37
CA GLU A 875 11.10 -3.93 -17.52
C GLU A 875 10.84 -5.24 -18.27
N GLU A 876 11.51 -5.41 -19.41
CA GLU A 876 11.36 -6.62 -20.23
C GLU A 876 12.10 -7.82 -19.65
N HIS A 877 12.66 -7.67 -18.46
CA HIS A 877 13.40 -8.74 -17.79
C HIS A 877 12.60 -9.25 -16.59
N CYS A 878 12.12 -8.31 -15.78
CA CYS A 878 11.34 -8.65 -14.60
C CYS A 878 9.94 -9.15 -14.94
N SER A 879 9.40 -8.70 -16.07
CA SER A 879 8.08 -9.11 -16.53
C SER A 879 8.10 -10.60 -16.87
N MSE A 880 9.27 -11.07 -17.29
CA MSE A 880 9.46 -12.46 -17.65
C MSE A 880 9.09 -13.37 -16.47
O MSE A 880 8.58 -14.46 -16.67
CB MSE A 880 10.91 -12.70 -18.07
CG MSE A 880 11.31 -12.04 -19.38
SE MSE A 880 13.21 -12.19 -19.75
CE MSE A 880 13.17 -13.56 -21.09
N LEU A 881 9.39 -12.92 -15.26
CA LEU A 881 9.09 -13.69 -14.06
C LEU A 881 7.77 -13.28 -13.40
N GLY A 882 6.80 -12.90 -14.22
CA GLY A 882 5.49 -12.50 -13.72
C GLY A 882 5.32 -11.03 -13.36
N LEU A 883 6.23 -10.50 -12.56
CA LEU A 883 6.19 -9.10 -12.12
C LEU A 883 5.72 -8.15 -13.21
N ASP A 884 4.55 -7.54 -13.01
CA ASP A 884 3.98 -6.60 -13.98
C ASP A 884 4.86 -5.34 -14.04
N PRO A 885 5.25 -4.92 -15.25
CA PRO A 885 6.09 -3.74 -15.51
C PRO A 885 5.65 -2.45 -14.84
N GLU A 886 4.35 -2.16 -14.87
CA GLU A 886 3.80 -0.95 -14.26
C GLU A 886 4.04 -0.94 -12.74
N ILE A 887 4.36 -2.10 -12.18
CA ILE A 887 4.62 -2.23 -10.75
C ILE A 887 6.13 -2.28 -10.46
N VAL A 888 6.91 -2.65 -11.47
CA VAL A 888 8.37 -2.77 -11.33
C VAL A 888 9.08 -1.46 -10.93
N SER A 889 8.81 -0.39 -11.65
CA SER A 889 9.45 0.90 -11.35
C SER A 889 8.46 1.96 -10.89
N HIS A 890 7.45 1.55 -10.13
CA HIS A 890 6.44 2.49 -9.64
C HIS A 890 6.01 2.23 -8.21
N SER A 891 5.60 0.99 -7.92
CA SER A 891 5.17 0.62 -6.58
C SER A 891 6.31 0.00 -5.78
N ARG A 892 6.46 0.42 -4.53
CA ARG A 892 7.51 -0.06 -3.65
C ARG A 892 7.39 -1.54 -3.27
N ILE A 893 8.49 -2.11 -2.76
CA ILE A 893 8.54 -3.50 -2.35
C ILE A 893 7.68 -3.75 -1.10
N ARG A 894 7.42 -2.69 -0.33
CA ARG A 894 6.60 -2.80 0.88
C ARG A 894 5.20 -3.28 0.52
N GLY A 895 4.66 -2.72 -0.57
CA GLY A 895 3.33 -3.11 -1.01
C GLY A 895 3.26 -4.51 -1.57
N LEU A 896 4.41 -5.05 -1.96
CA LEU A 896 4.49 -6.40 -2.50
C LEU A 896 4.38 -7.47 -1.42
N SER A 897 3.53 -8.45 -1.65
CA SER A 897 3.33 -9.55 -0.71
C SER A 897 4.49 -10.55 -0.76
N GLY A 898 4.35 -11.68 -0.07
CA GLY A 898 5.39 -12.68 -0.06
C GLY A 898 5.60 -13.34 -1.42
N GLY A 899 4.58 -13.29 -2.25
CA GLY A 899 4.65 -13.88 -3.58
C GLY A 899 5.43 -12.99 -4.54
N GLN A 900 5.45 -11.69 -4.24
CA GLN A 900 6.17 -10.73 -5.06
C GLN A 900 7.52 -10.33 -4.47
N LYS A 901 7.72 -10.63 -3.19
CA LYS A 901 8.98 -10.32 -2.54
C LYS A 901 10.10 -11.24 -3.02
N VAL A 902 9.86 -12.56 -2.99
CA VAL A 902 10.83 -13.59 -3.44
C VAL A 902 10.85 -13.67 -4.98
N LYS A 903 9.75 -13.27 -5.58
CA LYS A 903 9.57 -13.27 -7.02
C LYS A 903 10.56 -12.32 -7.67
N LEU A 904 10.85 -11.23 -6.97
CA LEU A 904 11.77 -10.20 -7.45
C LEU A 904 13.24 -10.55 -7.27
N VAL A 905 13.53 -11.21 -6.15
CA VAL A 905 14.89 -11.59 -5.81
C VAL A 905 15.47 -12.54 -6.86
N LEU A 906 14.64 -13.38 -7.45
CA LEU A 906 15.09 -14.32 -8.48
C LEU A 906 15.27 -13.65 -9.84
N ALA A 907 14.55 -12.53 -10.06
CA ALA A 907 14.65 -11.79 -11.31
C ALA A 907 15.90 -10.91 -11.29
N ALA A 908 16.42 -10.68 -10.09
CA ALA A 908 17.61 -9.85 -9.90
C ALA A 908 18.88 -10.64 -10.19
N GLY A 909 18.96 -11.87 -9.70
CA GLY A 909 20.13 -12.70 -9.91
C GLY A 909 20.36 -13.17 -11.33
N THR A 910 19.28 -13.36 -12.08
CA THR A 910 19.38 -13.80 -13.45
C THR A 910 19.57 -12.61 -14.40
N TRP A 911 19.83 -11.44 -13.80
CA TRP A 911 20.03 -10.23 -14.58
C TRP A 911 21.21 -10.29 -15.55
N GLN A 912 22.42 -10.44 -15.02
CA GLN A 912 23.64 -10.49 -15.82
C GLN A 912 23.84 -11.71 -16.72
N ARG A 913 22.73 -12.23 -17.27
CA ARG A 913 22.76 -13.40 -18.16
C ARG A 913 23.73 -14.49 -17.67
N PRO A 914 23.51 -15.01 -16.45
CA PRO A 914 24.36 -16.06 -15.88
C PRO A 914 24.41 -17.34 -16.71
N HIS A 915 26.11 -18.33 -14.41
CA HIS A 915 26.47 -19.66 -14.86
C HIS A 915 25.80 -20.74 -14.04
N LEU A 916 25.06 -20.34 -13.01
CA LEU A 916 24.37 -21.27 -12.13
C LEU A 916 23.13 -20.58 -11.54
N ILE A 917 21.95 -21.05 -11.92
CA ILE A 917 20.71 -20.47 -11.43
C ILE A 917 20.02 -21.37 -10.41
N VAL A 918 20.34 -21.16 -9.14
CA VAL A 918 19.74 -21.92 -8.05
C VAL A 918 18.35 -21.32 -7.78
N LEU A 919 17.43 -22.12 -7.26
CA LEU A 919 16.08 -21.64 -6.95
C LEU A 919 15.64 -22.15 -5.58
N ASP A 920 16.00 -21.41 -4.52
CA ASP A 920 15.63 -21.79 -3.15
C ASP A 920 14.12 -21.70 -3.01
N GLU A 921 13.49 -22.87 -2.93
CA GLU A 921 12.06 -23.03 -2.79
C GLU A 921 11.26 -22.26 -3.85
N PRO A 922 11.15 -22.82 -5.06
CA PRO A 922 10.42 -22.19 -6.16
C PRO A 922 8.89 -22.20 -6.03
N THR A 923 8.34 -23.27 -5.45
CA THR A 923 6.90 -23.38 -5.27
C THR A 923 6.47 -22.73 -3.95
N ASN A 924 7.45 -22.43 -3.10
CA ASN A 924 7.25 -21.81 -1.79
C ASN A 924 6.25 -20.65 -1.81
N TYR A 925 6.51 -19.70 -2.70
CA TYR A 925 5.68 -18.50 -2.84
C TYR A 925 4.79 -18.48 -4.10
N LEU A 926 5.30 -18.98 -5.22
CA LEU A 926 4.53 -18.98 -6.46
C LEU A 926 3.56 -20.15 -6.61
N ASP A 927 2.30 -19.84 -6.93
CA ASP A 927 1.29 -20.88 -7.16
C ASP A 927 1.47 -21.44 -8.58
N ARG A 928 0.57 -22.31 -9.01
CA ARG A 928 0.67 -22.94 -10.33
C ARG A 928 0.81 -22.01 -11.53
N ASP A 929 0.28 -20.79 -11.39
CA ASP A 929 0.30 -19.78 -12.45
C ASP A 929 1.67 -19.54 -13.06
N SER A 930 2.59 -19.01 -12.26
CA SER A 930 3.95 -18.69 -12.71
C SER A 930 4.89 -19.91 -12.70
N LEU A 931 4.46 -21.00 -12.07
CA LEU A 931 5.27 -22.21 -12.00
C LEU A 931 5.45 -22.90 -13.36
N GLY A 932 4.42 -22.82 -14.21
CA GLY A 932 4.50 -23.43 -15.53
C GLY A 932 5.44 -22.67 -16.44
N ALA A 933 5.49 -21.36 -16.28
CA ALA A 933 6.38 -20.50 -17.08
C ALA A 933 7.80 -20.65 -16.57
N LEU A 934 7.95 -20.70 -15.25
CA LEU A 934 9.25 -20.84 -14.61
C LEU A 934 9.85 -22.21 -14.96
N SER A 935 8.98 -23.14 -15.37
CA SER A 935 9.40 -24.49 -15.74
C SER A 935 10.12 -24.48 -17.10
N LYS A 936 9.46 -23.89 -18.09
CA LYS A 936 10.02 -23.82 -19.44
C LYS A 936 11.30 -22.99 -19.51
N ALA A 937 11.41 -21.99 -18.64
CA ALA A 937 12.60 -21.14 -18.60
C ALA A 937 13.81 -21.94 -18.14
N LEU A 938 13.58 -22.93 -17.30
CA LEU A 938 14.64 -23.78 -16.78
C LEU A 938 14.90 -24.95 -17.73
N LYS A 939 14.09 -25.06 -18.78
CA LYS A 939 14.22 -26.13 -19.76
C LYS A 939 14.95 -25.71 -21.04
N GLU A 940 14.89 -24.42 -21.35
CA GLU A 940 15.56 -23.89 -22.55
C GLU A 940 16.78 -23.05 -22.16
N PHE A 941 17.35 -23.35 -20.99
CA PHE A 941 18.51 -22.64 -20.48
C PHE A 941 19.79 -23.44 -20.73
N GLU A 942 20.84 -22.75 -21.20
CA GLU A 942 22.13 -23.39 -21.48
C GLU A 942 23.05 -23.22 -20.27
N GLY A 943 22.55 -23.53 -19.08
CA GLY A 943 23.36 -23.40 -17.88
C GLY A 943 22.87 -24.20 -16.69
N GLY A 944 23.70 -24.27 -15.66
CA GLY A 944 23.35 -25.02 -14.46
C GLY A 944 22.12 -24.54 -13.72
N VAL A 945 21.38 -25.48 -13.13
CA VAL A 945 20.15 -25.18 -12.39
C VAL A 945 19.99 -26.10 -11.18
N ILE A 946 20.05 -25.55 -9.98
CA ILE A 946 19.88 -26.33 -8.76
C ILE A 946 18.56 -25.94 -8.10
N ILE A 947 17.51 -26.70 -8.39
CA ILE A 947 16.19 -26.45 -7.84
C ILE A 947 15.99 -27.06 -6.45
N ILE A 948 16.00 -26.21 -5.43
CA ILE A 948 15.78 -26.64 -4.05
C ILE A 948 14.28 -26.55 -3.83
N THR A 949 13.64 -27.70 -3.60
CA THR A 949 12.19 -27.69 -3.41
C THR A 949 11.67 -28.93 -2.67
N HIS A 950 10.42 -28.87 -2.24
CA HIS A 950 9.79 -29.98 -1.55
C HIS A 950 8.71 -30.59 -2.45
N SER A 951 8.24 -29.79 -3.41
CA SER A 951 7.22 -30.22 -4.37
C SER A 951 7.82 -31.25 -5.33
N ALA A 952 7.38 -32.49 -5.20
CA ALA A 952 7.86 -33.58 -6.05
C ALA A 952 7.22 -33.57 -7.43
N GLU A 953 6.29 -32.63 -7.64
CA GLU A 953 5.59 -32.51 -8.91
C GLU A 953 6.15 -31.42 -9.84
N PHE A 954 7.01 -30.56 -9.30
CA PHE A 954 7.62 -29.49 -10.09
C PHE A 954 8.93 -29.98 -10.72
N THR A 955 9.52 -31.00 -10.12
CA THR A 955 10.78 -31.57 -10.59
C THR A 955 10.58 -32.51 -11.79
N LYS A 956 9.33 -32.85 -12.08
CA LYS A 956 9.03 -33.75 -13.19
C LYS A 956 9.42 -33.19 -14.56
N ASN A 957 10.21 -33.97 -15.30
CA ASN A 957 10.69 -33.60 -16.63
C ASN A 957 11.58 -32.36 -16.63
N LEU A 958 12.21 -32.10 -15.49
CA LEU A 958 13.10 -30.94 -15.36
C LEU A 958 14.40 -31.36 -14.68
N THR A 959 14.33 -31.72 -13.40
CA THR A 959 15.51 -32.14 -12.64
C THR A 959 15.61 -33.65 -12.40
N GLU A 960 16.83 -34.16 -12.37
CA GLU A 960 17.09 -35.58 -12.16
C GLU A 960 17.87 -35.87 -10.88
N GLU A 961 19.04 -35.26 -10.74
CA GLU A 961 19.90 -35.47 -9.57
C GLU A 961 19.24 -34.93 -8.29
N VAL A 962 19.58 -35.55 -7.15
CA VAL A 962 19.01 -35.14 -5.86
C VAL A 962 20.08 -34.94 -4.78
N TRP A 963 19.85 -33.98 -3.89
CA TRP A 963 20.76 -33.68 -2.79
C TRP A 963 20.10 -33.95 -1.44
N ALA A 964 19.52 -35.15 -1.29
CA ALA A 964 18.86 -35.54 -0.06
C ALA A 964 19.88 -35.76 1.06
N VAL A 965 19.82 -34.90 2.08
CA VAL A 965 20.74 -34.99 3.21
C VAL A 965 20.25 -36.05 4.21
N LYS A 966 21.17 -36.57 5.02
CA LYS A 966 20.84 -37.58 6.02
C LYS A 966 21.82 -37.58 7.18
N ASP A 967 21.35 -37.12 8.34
CA ASP A 967 22.16 -37.04 9.56
C ASP A 967 23.42 -36.20 9.38
N GLY A 968 23.46 -35.39 8.33
CA GLY A 968 24.62 -34.55 8.07
C GLY A 968 25.20 -34.77 6.69
N ARG A 969 25.79 -35.94 6.49
CA ARG A 969 26.40 -36.31 5.21
C ARG A 969 25.38 -36.25 4.08
N MSE A 970 25.86 -36.20 2.84
CA MSE A 970 24.96 -36.12 1.68
C MSE A 970 25.60 -36.67 0.40
O MSE A 970 26.55 -36.09 -0.13
CB MSE A 970 24.52 -34.66 1.47
CG MSE A 970 23.55 -34.42 0.32
SE MSE A 970 24.36 -34.55 -1.42
CE MSE A 970 25.43 -32.94 -1.37
N THR A 971 25.07 -37.79 -0.09
CA THR A 971 25.59 -38.42 -1.29
C THR A 971 24.67 -38.20 -2.50
N PRO A 972 25.11 -37.40 -3.48
CA PRO A 972 24.30 -37.13 -4.69
C PRO A 972 24.14 -38.40 -5.51
N SER A 973 22.90 -38.67 -5.95
CA SER A 973 22.64 -39.86 -6.75
C SER A 973 22.15 -39.51 -8.16
N GLY A 974 20.88 -39.76 -8.44
CA GLY A 974 20.31 -39.45 -9.75
C GLY A 974 21.15 -39.95 -10.92
N HIS A 975 21.27 -39.13 -11.95
CA HIS A 975 22.05 -39.47 -13.14
C HIS A 975 22.17 -38.31 -14.12
N ASN A 976 22.51 -38.65 -15.37
CA ASN A 976 22.67 -37.68 -16.45
C ASN A 976 22.63 -38.45 -17.77
#